data_6SQX
#
_entry.id   6SQX
#
_cell.length_a   76.578
_cell.length_b   109.966
_cell.length_c   130.936
_cell.angle_alpha   90.000
_cell.angle_beta   90.000
_cell.angle_gamma   90.000
#
_symmetry.space_group_name_H-M   'P 21 21 21'
#
loop_
_entity.id
_entity.type
_entity.pdbx_description
1 polymer 'Peptide-binding protein'
2 non-polymer 'CHLORIDE ION'
3 non-polymer 1,2-ETHANEDIOL
4 non-polymer DI(HYDROXYETHYL)ETHER
5 non-polymer 'BICARBONATE ION'
6 water water
#
_entity_poly.entity_id   1
_entity_poly.type   'polypeptide(L)'
_entity_poly.pdbx_seq_one_letter_code
;MNINKHLMLLALLTNYSYANGNNITIPIEITQDAFHYISHKDLDKNIIDKYTIRQMNEYFNTQYYFQWSDDANQNDFYYV
PNNTQTKNNILKLENDTIRYYKERSGYDKNYLPHTSNWVNSISENMNLKSFPNIPCDNHSCRGIVVNNAQVRSLPTSDAF
YNNFTIPGEGYPFDYIQLSALWTGTPIMLIHMSTDKKWTLIKGQGTLGWVPTSSIANVDESFITQWKRYRLVTPTVRKQD
LPIEKYDINNKILEAGSILPEHKGKLKIPVKDKNGTATLLTVNSKNLKFTTWPMTPSYKNFAHQINNYIGMPYGWGGMDF
NND(OCS)SGLLKRLFSTFGIWLPRSSFYQANYAGQIYSMYDQSEEQRKELLVEQEGSIQLIPFMTLVSFGNSKTSTSHI
GLYMGTTEYNHNKVAIMFNAPWGVKLVNGNNEQGRALVGQTLITPIGIGDAFTEGLSNQDWALQSLWNAVGFNTTLLTET
PKNKRLYQGIDNSYSIEKYLFEK
;
_entity_poly.pdbx_strand_id   A,B
#
loop_
_chem_comp.id
_chem_comp.type
_chem_comp.name
_chem_comp.formula
BCT non-polymer 'BICARBONATE ION' 'C H O3 -1'
CL non-polymer 'CHLORIDE ION' 'Cl -1'
EDO non-polymer 1,2-ETHANEDIOL 'C2 H6 O2'
PEG non-polymer DI(HYDROXYETHYL)ETHER 'C4 H10 O3'
#
# COMPACT_ATOMS: atom_id res chain seq x y z
N GLY A 21 -11.94 20.50 -10.46
CA GLY A 21 -11.57 19.52 -9.46
C GLY A 21 -12.41 19.48 -8.19
N ASN A 22 -11.72 19.47 -7.00
CA ASN A 22 -12.12 19.45 -5.58
C ASN A 22 -11.20 18.60 -4.69
N ASN A 23 -11.03 17.33 -5.06
CA ASN A 23 -9.99 16.47 -4.53
C ASN A 23 -8.98 16.32 -5.67
N ILE A 24 -7.75 16.78 -5.43
N ILE A 24 -7.83 16.90 -5.48
CA ILE A 24 -6.71 16.88 -6.47
CA ILE A 24 -6.72 16.80 -6.42
C ILE A 24 -5.48 16.14 -5.95
C ILE A 24 -5.77 15.78 -5.84
N THR A 25 -5.00 15.15 -6.72
CA THR A 25 -3.84 14.38 -6.26
C THR A 25 -2.58 15.23 -6.36
N ILE A 26 -1.61 14.95 -5.48
CA ILE A 26 -0.29 15.54 -5.62
C ILE A 26 0.77 14.45 -5.67
N PRO A 27 1.89 14.71 -6.34
CA PRO A 27 2.96 13.70 -6.44
C PRO A 27 3.61 13.43 -5.10
N ILE A 28 4.23 12.24 -4.99
CA ILE A 28 5.19 11.97 -3.92
C ILE A 28 6.40 12.87 -4.13
N GLU A 29 6.92 13.44 -3.04
CA GLU A 29 7.94 14.50 -3.16
C GLU A 29 9.36 14.02 -2.95
N ILE A 30 9.61 13.23 -1.92
CA ILE A 30 10.97 12.86 -1.54
C ILE A 30 11.15 11.34 -1.54
N THR A 31 12.40 10.92 -1.36
CA THR A 31 12.72 9.50 -1.50
C THR A 31 12.04 8.68 -0.41
N GLN A 32 11.37 7.59 -0.82
CA GLN A 32 10.62 6.73 0.11
C GLN A 32 11.52 5.58 0.61
N ASP A 33 12.52 5.96 1.42
CA ASP A 33 13.40 4.97 2.03
C ASP A 33 14.00 5.63 3.26
N ALA A 34 13.67 5.12 4.45
CA ALA A 34 14.13 5.76 5.66
C ALA A 34 15.66 5.79 5.72
N PHE A 35 16.34 4.89 5.01
CA PHE A 35 17.79 4.89 5.11
C PHE A 35 18.41 6.09 4.41
N HIS A 36 17.65 6.78 3.55
CA HIS A 36 18.14 7.99 2.89
C HIS A 36 18.35 9.12 3.89
N TYR A 37 17.76 8.99 5.07
CA TYR A 37 17.79 10.02 6.10
C TYR A 37 18.57 9.57 7.32
N ILE A 38 19.42 8.56 7.18
CA ILE A 38 20.24 8.07 8.29
C ILE A 38 21.69 8.13 7.85
N SER A 39 22.53 8.81 8.64
N SER A 39 22.52 8.82 8.65
CA SER A 39 23.93 8.92 8.29
CA SER A 39 23.94 8.93 8.31
C SER A 39 24.60 7.57 8.42
C SER A 39 24.62 7.57 8.44
N HIS A 40 25.69 7.37 7.67
CA HIS A 40 26.35 6.07 7.69
C HIS A 40 26.88 5.74 9.08
N LYS A 41 27.42 6.74 9.78
CA LYS A 41 27.96 6.49 11.10
C LYS A 41 26.88 6.14 12.12
N ASP A 42 25.62 6.51 11.87
CA ASP A 42 24.55 6.14 12.79
C ASP A 42 23.95 4.78 12.49
N LEU A 43 24.24 4.20 11.31
CA LEU A 43 23.60 2.95 10.92
C LEU A 43 23.60 1.93 12.04
N ASP A 44 24.77 1.74 12.66
CA ASP A 44 24.98 0.70 13.66
C ASP A 44 24.60 1.14 15.07
N LYS A 45 24.03 2.32 15.26
CA LYS A 45 23.73 2.80 16.60
C LYS A 45 22.27 2.56 16.98
N ASN A 46 22.01 2.62 18.29
CA ASN A 46 20.67 2.66 18.81
C ASN A 46 20.22 4.10 19.01
N ILE A 47 18.93 4.34 18.80
CA ILE A 47 18.40 5.71 18.85
C ILE A 47 18.35 6.22 20.29
N ILE A 48 18.05 5.34 21.25
CA ILE A 48 18.12 5.71 22.66
C ILE A 48 18.88 4.63 23.39
N ASP A 49 19.42 5.00 24.55
CA ASP A 49 20.33 4.13 25.27
C ASP A 49 19.59 3.07 26.09
N LYS A 50 20.37 2.20 26.73
CA LYS A 50 19.80 1.04 27.43
C LYS A 50 18.93 1.47 28.58
N TYR A 51 19.37 2.48 29.33
CA TYR A 51 18.58 2.96 30.46
C TYR A 51 17.24 3.50 30.00
N THR A 52 17.25 4.29 28.93
CA THR A 52 16.03 4.94 28.48
C THR A 52 15.04 3.91 27.93
N ILE A 53 15.52 2.97 27.11
CA ILE A 53 14.59 1.99 26.53
C ILE A 53 14.02 1.10 27.64
N ARG A 54 14.80 0.78 28.67
CA ARG A 54 14.28 0.01 29.79
C ARG A 54 13.12 0.75 30.47
N GLN A 55 13.27 2.05 30.71
CA GLN A 55 12.18 2.82 31.31
C GLN A 55 10.97 2.84 30.39
N MET A 56 11.20 3.01 29.08
CA MET A 56 10.09 3.01 28.14
C MET A 56 9.39 1.66 28.11
N ASN A 57 10.17 0.57 28.15
CA ASN A 57 9.58 -0.77 28.09
C ASN A 57 8.78 -1.06 29.35
N GLU A 58 9.26 -0.61 30.53
CA GLU A 58 8.48 -0.78 31.76
C GLU A 58 7.16 -0.02 31.67
N TYR A 59 7.20 1.20 31.15
CA TYR A 59 5.96 1.95 30.99
C TYR A 59 5.03 1.22 30.04
N PHE A 60 5.57 0.75 28.89
CA PHE A 60 4.75 -0.02 27.95
C PHE A 60 4.04 -1.18 28.65
N ASN A 61 4.78 -1.98 29.42
CA ASN A 61 4.14 -3.14 30.05
C ASN A 61 3.03 -2.71 31.01
N THR A 62 3.24 -1.62 31.75
CA THR A 62 2.19 -1.16 32.65
C THR A 62 0.95 -0.75 31.88
N GLN A 63 1.12 0.00 30.79
CA GLN A 63 -0.04 0.48 30.07
C GLN A 63 -0.71 -0.63 29.27
N TYR A 64 0.13 -1.46 28.63
CA TYR A 64 -0.38 -2.50 27.73
C TYR A 64 -1.16 -3.57 28.49
N TYR A 65 -0.70 -3.92 29.69
CA TYR A 65 -1.38 -4.93 30.52
C TYR A 65 -2.32 -4.34 31.55
N PHE A 66 -2.65 -3.05 31.43
CA PHE A 66 -3.48 -2.41 32.45
C PHE A 66 -4.82 -3.11 32.61
N GLN A 67 -5.41 -3.62 31.52
CA GLN A 67 -6.72 -4.26 31.66
C GLN A 67 -6.66 -5.57 32.42
N TRP A 68 -5.46 -6.14 32.61
CA TRP A 68 -5.30 -7.35 33.39
C TRP A 68 -4.88 -7.04 34.81
N SER A 69 -4.84 -5.75 35.16
CA SER A 69 -4.35 -5.34 36.46
C SER A 69 -5.47 -5.18 37.49
N ASP A 70 -5.09 -5.20 38.75
CA ASP A 70 -6.10 -5.05 39.77
C ASP A 70 -6.68 -3.64 39.80
N ASP A 71 -5.99 -2.68 39.15
CA ASP A 71 -6.40 -1.27 39.15
C ASP A 71 -7.58 -1.00 38.21
N ALA A 72 -7.77 -1.81 37.18
CA ALA A 72 -8.76 -1.56 36.16
C ALA A 72 -10.14 -2.07 36.59
N ASN A 73 -11.18 -1.43 36.07
CA ASN A 73 -12.55 -1.85 36.39
C ASN A 73 -13.43 -1.62 35.17
N GLN A 74 -14.67 -2.13 35.26
CA GLN A 74 -15.56 -2.11 34.10
C GLN A 74 -16.28 -0.78 33.91
N ASN A 75 -16.14 0.18 34.84
CA ASN A 75 -16.90 1.42 34.80
C ASN A 75 -16.11 2.62 34.28
N ASP A 76 -14.79 2.57 34.40
CA ASP A 76 -13.90 3.71 34.14
C ASP A 76 -13.00 3.37 32.98
N PHE A 77 -12.79 4.33 32.08
CA PHE A 77 -11.92 4.16 30.93
C PHE A 77 -10.93 5.32 30.86
N TYR A 78 -9.64 4.99 30.69
CA TYR A 78 -8.56 5.96 30.61
C TYR A 78 -7.99 5.99 29.19
N TYR A 79 -7.89 7.17 28.57
CA TYR A 79 -7.08 7.22 27.35
C TYR A 79 -5.61 6.96 27.66
N VAL A 80 -5.13 7.31 28.85
CA VAL A 80 -3.77 7.04 29.30
C VAL A 80 -3.90 6.36 30.66
N PRO A 81 -3.73 5.05 30.75
CA PRO A 81 -3.95 4.34 32.04
C PRO A 81 -3.19 5.03 33.16
N ASN A 82 -3.88 5.17 34.30
CA ASN A 82 -3.37 5.74 35.54
C ASN A 82 -3.20 7.24 35.52
N ASN A 83 -3.49 7.92 34.41
CA ASN A 83 -3.46 9.38 34.41
C ASN A 83 -4.91 9.84 34.52
N THR A 84 -5.29 10.34 35.72
CA THR A 84 -6.70 10.71 35.93
C THR A 84 -7.14 11.94 35.13
N GLN A 85 -6.21 12.66 34.50
CA GLN A 85 -6.61 13.70 33.55
C GLN A 85 -7.32 13.12 32.33
N THR A 86 -7.25 11.80 32.14
CA THR A 86 -7.80 11.14 30.95
C THR A 86 -8.92 10.16 31.30
N LYS A 87 -9.45 10.25 32.52
CA LYS A 87 -10.44 9.30 33.02
C LYS A 87 -11.83 9.68 32.56
N ASN A 88 -12.61 8.67 32.17
CA ASN A 88 -13.95 8.84 31.64
C ASN A 88 -14.89 7.80 32.23
N ASN A 89 -16.15 8.18 32.44
CA ASN A 89 -17.19 7.20 32.79
C ASN A 89 -17.72 6.52 31.53
N ILE A 90 -17.63 5.17 31.50
CA ILE A 90 -17.95 4.41 30.28
C ILE A 90 -19.42 4.55 29.92
N LEU A 91 -20.32 4.45 30.92
CA LEU A 91 -21.74 4.54 30.61
C LEU A 91 -22.09 5.92 30.06
N LYS A 92 -21.48 6.98 30.61
CA LYS A 92 -21.70 8.32 30.06
C LYS A 92 -21.25 8.39 28.60
N LEU A 93 -20.05 7.86 28.31
CA LEU A 93 -19.56 7.88 26.91
C LEU A 93 -20.50 7.13 25.98
N GLU A 94 -21.02 5.99 26.43
CA GLU A 94 -21.95 5.23 25.60
C GLU A 94 -23.21 6.02 25.33
N ASN A 95 -23.79 6.61 26.37
CA ASN A 95 -24.98 7.43 26.17
C ASN A 95 -24.71 8.64 25.29
N ASP A 96 -23.54 9.28 25.47
CA ASP A 96 -23.15 10.40 24.62
C ASP A 96 -23.06 9.98 23.16
N THR A 97 -22.56 8.78 22.89
CA THR A 97 -22.40 8.33 21.50
C THR A 97 -23.76 8.09 20.85
N ILE A 98 -24.67 7.45 21.58
CA ILE A 98 -26.02 7.27 21.06
C ILE A 98 -26.64 8.62 20.73
N ARG A 99 -26.58 9.56 21.69
CA ARG A 99 -27.17 10.87 21.48
C ARG A 99 -26.56 11.57 20.27
N TYR A 100 -25.25 11.44 20.10
CA TYR A 100 -24.57 12.13 19.01
C TYR A 100 -25.14 11.71 17.66
N TYR A 101 -25.36 10.40 17.46
CA TYR A 101 -25.85 9.92 16.17
C TYR A 101 -27.36 9.99 16.03
N LYS A 102 -28.11 9.97 17.15
CA LYS A 102 -29.55 10.17 17.05
C LYS A 102 -29.86 11.56 16.48
N GLU A 103 -29.02 12.54 16.79
CA GLU A 103 -29.21 13.93 16.43
C GLU A 103 -28.71 14.29 15.03
N ARG A 104 -28.22 13.32 14.26
CA ARG A 104 -27.58 13.64 12.98
C ARG A 104 -28.14 12.80 11.84
N SER A 105 -27.99 13.34 10.64
N SER A 105 -28.00 13.37 10.64
CA SER A 105 -28.30 12.61 9.41
CA SER A 105 -28.26 12.70 9.38
C SER A 105 -27.03 12.50 8.57
C SER A 105 -26.93 12.46 8.69
N GLY A 106 -26.87 11.36 7.97
CA GLY A 106 -25.66 11.00 7.27
C GLY A 106 -25.96 9.89 6.32
N TYR A 107 -24.90 9.16 5.96
CA TYR A 107 -24.97 8.16 4.90
C TYR A 107 -24.39 6.86 5.40
N ASP A 108 -24.91 5.75 4.86
CA ASP A 108 -24.55 4.42 5.34
C ASP A 108 -23.38 3.83 4.54
N LYS A 109 -23.14 2.52 4.74
CA LYS A 109 -21.98 1.85 4.17
C LYS A 109 -22.07 1.74 2.65
N ASN A 110 -23.25 1.89 2.09
CA ASN A 110 -23.48 1.89 0.65
C ASN A 110 -23.76 3.28 0.10
N TYR A 111 -23.43 4.32 0.89
CA TYR A 111 -23.58 5.72 0.51
C TYR A 111 -25.04 6.15 0.39
N LEU A 112 -26.01 5.33 1.02
CA LEU A 112 -27.42 5.72 1.03
C LEU A 112 -27.75 6.49 2.29
N PRO A 113 -28.65 7.46 2.20
CA PRO A 113 -29.03 8.19 3.42
C PRO A 113 -29.50 7.22 4.48
N HIS A 114 -29.09 7.48 5.72
CA HIS A 114 -29.64 6.73 6.84
C HIS A 114 -31.12 7.04 7.03
N THR A 115 -31.87 6.00 7.38
CA THR A 115 -33.23 6.20 7.85
C THR A 115 -33.23 7.07 9.11
N SER A 116 -34.34 7.78 9.32
CA SER A 116 -34.42 8.74 10.41
C SER A 116 -34.30 8.10 11.79
N ASN A 117 -34.62 6.81 11.91
CA ASN A 117 -34.63 6.13 13.20
C ASN A 117 -33.55 5.06 13.33
N TRP A 118 -32.49 5.13 12.51
CA TRP A 118 -31.59 3.98 12.40
C TRP A 118 -30.82 3.70 13.69
N VAL A 119 -30.62 4.70 14.55
CA VAL A 119 -29.93 4.47 15.81
C VAL A 119 -30.80 3.68 16.80
N ASN A 120 -32.12 3.74 16.64
CA ASN A 120 -33.00 3.14 17.64
C ASN A 120 -32.72 1.66 17.81
N SER A 121 -32.58 0.93 16.70
CA SER A 121 -32.33 -0.51 16.80
CA SER A 121 -32.33 -0.51 16.80
C SER A 121 -30.99 -0.79 17.44
N ILE A 122 -30.01 0.06 17.17
CA ILE A 122 -28.69 -0.09 17.78
C ILE A 122 -28.76 0.19 19.28
N SER A 123 -29.42 1.28 19.68
CA SER A 123 -29.56 1.61 21.09
CA SER A 123 -29.53 1.59 21.09
C SER A 123 -30.25 0.48 21.85
N GLU A 124 -31.29 -0.11 21.24
N GLU A 124 -31.31 -0.08 21.25
CA GLU A 124 -31.98 -1.23 21.87
CA GLU A 124 -31.97 -1.23 21.86
C GLU A 124 -31.04 -2.42 22.07
C GLU A 124 -30.99 -2.36 22.10
N ASN A 125 -30.22 -2.71 21.07
CA ASN A 125 -29.30 -3.84 21.16
C ASN A 125 -28.18 -3.59 22.17
N MET A 126 -27.80 -2.32 22.36
CA MET A 126 -26.79 -2.00 23.36
C MET A 126 -27.26 -2.32 24.77
N ASN A 127 -28.57 -2.25 25.02
CA ASN A 127 -29.18 -2.65 26.30
C ASN A 127 -28.43 -2.06 27.50
N LEU A 128 -28.27 -0.73 27.49
CA LEU A 128 -27.51 -0.06 28.55
C LEU A 128 -28.20 -0.06 29.90
N LYS A 129 -29.49 -0.38 29.96
CA LYS A 129 -30.13 -0.46 31.27
C LYS A 129 -29.50 -1.54 32.15
N SER A 130 -28.85 -2.54 31.55
CA SER A 130 -28.20 -3.60 32.28
C SER A 130 -26.70 -3.39 32.46
N PHE A 131 -26.18 -2.21 32.14
CA PHE A 131 -24.75 -1.97 32.12
C PHE A 131 -24.15 -2.04 33.53
N PRO A 132 -22.99 -2.68 33.72
CA PRO A 132 -22.28 -3.52 32.74
C PRO A 132 -22.78 -4.97 32.92
N ASN A 133 -23.17 -5.65 31.85
CA ASN A 133 -23.85 -6.93 32.02
C ASN A 133 -22.95 -8.15 31.93
N ILE A 134 -21.64 -7.97 31.81
CA ILE A 134 -20.70 -9.10 31.85
C ILE A 134 -20.18 -9.21 33.27
N PRO A 135 -20.45 -10.32 33.98
CA PRO A 135 -19.98 -10.40 35.37
C PRO A 135 -18.46 -10.38 35.44
N CYS A 136 -17.93 -9.92 36.58
CA CYS A 136 -16.47 -9.87 36.69
C CYS A 136 -15.96 -10.43 38.01
N ASP A 137 -16.67 -11.41 38.58
CA ASP A 137 -16.18 -12.04 39.81
C ASP A 137 -14.84 -12.74 39.55
N ASN A 138 -13.93 -12.65 40.53
CA ASN A 138 -12.57 -13.21 40.38
C ASN A 138 -11.88 -12.74 39.10
N HIS A 139 -12.13 -11.49 38.72
CA HIS A 139 -11.53 -10.89 37.53
C HIS A 139 -11.84 -11.67 36.26
N SER A 140 -13.00 -12.29 36.18
CA SER A 140 -13.34 -13.11 35.01
C SER A 140 -13.56 -12.31 33.73
N CYS A 141 -13.69 -11.00 33.83
CA CYS A 141 -13.90 -10.17 32.63
C CYS A 141 -12.59 -9.77 31.96
N ARG A 142 -11.44 -10.14 32.52
CA ARG A 142 -10.20 -9.98 31.77
C ARG A 142 -10.27 -10.84 30.53
N GLY A 143 -9.71 -10.31 29.43
CA GLY A 143 -9.82 -11.02 28.17
C GLY A 143 -8.70 -10.72 27.20
N ILE A 144 -8.86 -11.22 25.98
CA ILE A 144 -7.84 -11.08 24.94
C ILE A 144 -8.53 -11.06 23.58
N VAL A 145 -7.94 -10.32 22.64
CA VAL A 145 -8.40 -10.34 21.25
C VAL A 145 -7.91 -11.62 20.57
N VAL A 146 -8.84 -12.36 19.95
CA VAL A 146 -8.49 -13.57 19.22
C VAL A 146 -8.52 -13.40 17.71
N ASN A 147 -9.24 -12.42 17.17
CA ASN A 147 -9.16 -12.09 15.75
C ASN A 147 -8.96 -10.59 15.62
N ASN A 148 -8.11 -10.16 14.68
CA ASN A 148 -7.89 -8.72 14.49
C ASN A 148 -9.25 -8.06 14.38
N ALA A 149 -9.44 -6.94 15.08
CA ALA A 149 -10.78 -6.39 15.22
C ALA A 149 -10.83 -4.90 14.89
N GLN A 150 -11.86 -4.50 14.16
CA GLN A 150 -12.17 -3.08 13.98
C GLN A 150 -13.10 -2.64 15.11
N VAL A 151 -12.57 -1.78 15.99
CA VAL A 151 -13.34 -1.31 17.14
C VAL A 151 -14.27 -0.22 16.66
N ARG A 152 -15.53 -0.34 17.06
CA ARG A 152 -16.62 0.52 16.57
C ARG A 152 -17.22 1.31 17.73
N SER A 153 -17.66 2.54 17.47
CA SER A 153 -18.22 3.31 18.56
C SER A 153 -19.62 2.85 18.96
N LEU A 154 -20.34 2.18 18.08
CA LEU A 154 -21.64 1.57 18.30
C LEU A 154 -21.57 0.16 17.74
N PRO A 155 -22.38 -0.76 18.24
CA PRO A 155 -22.27 -2.17 17.77
C PRO A 155 -22.94 -2.37 16.43
N THR A 156 -22.21 -1.96 15.38
CA THR A 156 -22.72 -2.08 14.01
C THR A 156 -21.54 -2.00 13.06
N SER A 157 -21.65 -2.79 11.99
CA SER A 157 -20.71 -2.69 10.89
CA SER A 157 -20.71 -2.69 10.88
C SER A 157 -21.13 -1.64 9.87
N ASP A 158 -22.31 -1.07 10.03
CA ASP A 158 -22.75 -0.04 9.11
C ASP A 158 -21.99 1.24 9.42
N ALA A 159 -21.81 2.09 8.40
CA ALA A 159 -21.01 3.29 8.49
C ALA A 159 -21.88 4.49 8.84
N PHE A 160 -21.21 5.55 9.33
CA PHE A 160 -21.78 6.91 9.32
C PHE A 160 -20.80 7.79 8.58
N TYR A 161 -21.14 8.14 7.34
CA TYR A 161 -20.40 9.09 6.52
C TYR A 161 -21.16 10.40 6.45
N ASN A 162 -20.43 11.50 6.39
CA ASN A 162 -21.01 12.73 5.87
C ASN A 162 -21.09 12.64 4.33
N ASN A 163 -21.74 13.61 3.70
CA ASN A 163 -21.89 13.61 2.25
C ASN A 163 -20.55 13.37 1.56
N PHE A 164 -20.46 12.27 0.81
CA PHE A 164 -19.21 11.78 0.24
C PHE A 164 -18.72 12.65 -0.92
N THR A 165 -19.48 13.65 -1.37
CA THR A 165 -18.98 14.61 -2.34
C THR A 165 -18.23 15.77 -1.70
N ILE A 166 -18.19 15.85 -0.38
CA ILE A 166 -17.49 16.92 0.34
C ILE A 166 -16.05 16.48 0.53
N PRO A 167 -15.06 17.31 0.18
CA PRO A 167 -13.66 16.93 0.39
C PRO A 167 -13.42 16.60 1.86
N GLY A 168 -12.68 15.53 2.12
CA GLY A 168 -12.48 15.04 3.48
C GLY A 168 -13.59 14.20 4.05
N GLU A 169 -14.59 13.81 3.24
CA GLU A 169 -15.72 13.00 3.69
C GLU A 169 -15.90 11.80 2.75
N GLY A 170 -16.83 10.91 3.07
CA GLY A 170 -16.88 9.62 2.39
C GLY A 170 -15.73 8.75 2.88
N TYR A 171 -15.55 7.61 2.20
CA TYR A 171 -14.55 6.64 2.61
C TYR A 171 -13.17 7.30 2.59
N PRO A 172 -12.31 7.06 3.59
CA PRO A 172 -12.45 6.08 4.69
C PRO A 172 -13.06 6.69 5.97
N PHE A 173 -13.64 7.88 5.88
CA PHE A 173 -14.10 8.63 7.06
C PHE A 173 -15.49 8.17 7.54
N ASP A 174 -15.54 6.90 7.93
CA ASP A 174 -16.69 6.33 8.64
C ASP A 174 -16.49 6.67 10.11
N TYR A 175 -17.31 7.56 10.65
CA TYR A 175 -17.03 8.06 11.99
C TYR A 175 -17.30 7.03 13.09
N ILE A 176 -17.97 5.92 12.76
CA ILE A 176 -18.13 4.82 13.73
CA ILE A 176 -18.13 4.86 13.76
C ILE A 176 -16.83 4.08 13.94
N GLN A 177 -15.89 4.18 12.99
CA GLN A 177 -14.66 3.41 13.06
C GLN A 177 -13.65 4.06 14.00
N LEU A 178 -13.19 3.32 15.03
CA LEU A 178 -12.32 3.94 16.03
C LEU A 178 -10.87 3.45 16.01
N SER A 179 -10.64 2.14 16.01
CA SER A 179 -9.28 1.62 16.13
C SER A 179 -9.20 0.24 15.50
N ALA A 180 -7.96 -0.22 15.27
CA ALA A 180 -7.73 -1.59 14.83
C ALA A 180 -6.87 -2.27 15.89
N LEU A 181 -7.42 -3.30 16.55
CA LEU A 181 -6.71 -4.05 17.59
C LEU A 181 -6.29 -5.41 17.08
N TRP A 182 -5.05 -5.79 17.40
CA TRP A 182 -4.50 -7.03 16.86
C TRP A 182 -4.73 -8.22 17.78
N THR A 183 -4.79 -9.42 17.15
CA THR A 183 -4.83 -10.65 17.92
C THR A 183 -3.74 -10.62 18.97
N GLY A 184 -4.10 -11.01 20.20
CA GLY A 184 -3.17 -11.01 21.33
C GLY A 184 -3.34 -9.84 22.28
N THR A 185 -4.13 -8.81 21.91
CA THR A 185 -4.19 -7.60 22.74
C THR A 185 -4.91 -7.89 24.06
N PRO A 186 -4.29 -7.59 25.21
CA PRO A 186 -5.02 -7.71 26.50
C PRO A 186 -6.14 -6.68 26.59
N ILE A 187 -7.34 -7.14 26.98
CA ILE A 187 -8.52 -6.29 27.04
C ILE A 187 -9.31 -6.61 28.30
N MET A 188 -10.34 -5.81 28.52
CA MET A 188 -11.35 -6.13 29.50
C MET A 188 -12.69 -6.15 28.79
N LEU A 189 -13.51 -7.17 29.11
CA LEU A 189 -14.85 -7.31 28.56
C LEU A 189 -15.82 -6.57 29.47
N ILE A 190 -16.68 -5.71 28.90
CA ILE A 190 -17.52 -4.81 29.69
CA ILE A 190 -17.51 -4.80 29.68
C ILE A 190 -18.99 -5.20 29.63
N HIS A 191 -19.53 -5.37 28.42
CA HIS A 191 -20.97 -5.43 28.25
C HIS A 191 -21.26 -6.10 26.92
N MET A 192 -22.31 -6.90 26.85
CA MET A 192 -22.64 -7.63 25.62
C MET A 192 -23.99 -7.16 25.08
N SER A 193 -24.09 -7.07 23.76
CA SER A 193 -25.34 -6.68 23.11
C SER A 193 -26.43 -7.73 23.35
N THR A 194 -27.68 -7.31 23.17
CA THR A 194 -28.79 -8.23 23.40
C THR A 194 -28.72 -9.43 22.47
N ASP A 195 -28.34 -9.21 21.20
CA ASP A 195 -28.24 -10.32 20.27
C ASP A 195 -26.95 -11.12 20.43
N LYS A 196 -26.09 -10.73 21.39
CA LYS A 196 -24.84 -11.39 21.73
C LYS A 196 -23.78 -11.29 20.65
N LYS A 197 -24.07 -10.60 19.53
CA LYS A 197 -23.10 -10.57 18.45
C LYS A 197 -21.96 -9.58 18.67
N TRP A 198 -22.12 -8.63 19.59
CA TRP A 198 -21.13 -7.58 19.82
C TRP A 198 -20.80 -7.50 21.30
N THR A 199 -19.53 -7.17 21.61
CA THR A 199 -19.09 -6.98 22.98
C THR A 199 -18.36 -5.65 23.08
N LEU A 200 -18.70 -4.87 24.11
CA LEU A 200 -18.03 -3.62 24.41
C LEU A 200 -16.79 -3.95 25.22
N ILE A 201 -15.61 -3.51 24.76
CA ILE A 201 -14.33 -3.85 25.36
C ILE A 201 -13.50 -2.58 25.54
N LYS A 202 -12.41 -2.70 26.30
CA LYS A 202 -11.40 -1.65 26.30
C LYS A 202 -10.02 -2.29 26.36
N GLY A 203 -9.06 -1.64 25.70
CA GLY A 203 -7.68 -2.10 25.73
C GLY A 203 -6.85 -1.23 24.81
N GLN A 204 -5.54 -1.23 25.07
CA GLN A 204 -4.61 -0.42 24.27
C GLN A 204 -5.02 1.06 24.19
N GLY A 205 -5.75 1.57 25.19
CA GLY A 205 -6.14 2.97 25.15
C GLY A 205 -7.35 3.25 24.29
N THR A 206 -8.13 2.23 23.94
CA THR A 206 -9.36 2.36 23.16
C THR A 206 -10.53 1.69 23.87
N LEU A 207 -11.71 2.31 23.73
CA LEU A 207 -12.98 1.77 24.22
C LEU A 207 -13.91 1.61 23.04
N GLY A 208 -14.55 0.46 22.90
CA GLY A 208 -15.58 0.35 21.88
C GLY A 208 -16.00 -1.08 21.64
N TRP A 209 -16.83 -1.26 20.61
CA TRP A 209 -17.51 -2.52 20.37
C TRP A 209 -16.79 -3.32 19.27
N VAL A 210 -16.75 -4.64 19.46
CA VAL A 210 -16.14 -5.55 18.49
C VAL A 210 -17.04 -6.78 18.39
N PRO A 211 -16.93 -7.54 17.32
CA PRO A 211 -17.69 -8.80 17.24
C PRO A 211 -17.33 -9.70 18.41
N THR A 212 -18.35 -10.31 19.00
CA THR A 212 -18.09 -11.22 20.12
C THR A 212 -17.14 -12.34 19.72
N SER A 213 -17.21 -12.81 18.47
CA SER A 213 -16.32 -13.87 18.02
C SER A 213 -14.85 -13.44 17.99
N SER A 214 -14.56 -12.15 18.09
CA SER A 214 -13.18 -11.69 18.00
CA SER A 214 -13.17 -11.70 18.00
C SER A 214 -12.49 -11.61 19.36
N ILE A 215 -13.21 -11.90 20.44
CA ILE A 215 -12.65 -11.80 21.77
C ILE A 215 -12.96 -13.05 22.59
N ALA A 216 -12.20 -13.22 23.68
CA ALA A 216 -12.43 -14.33 24.60
C ALA A 216 -11.96 -13.89 25.98
N ASN A 217 -12.57 -14.43 27.04
CA ASN A 217 -12.03 -14.11 28.35
C ASN A 217 -10.83 -14.99 28.67
N VAL A 218 -10.05 -14.58 29.67
CA VAL A 218 -8.87 -15.33 30.08
C VAL A 218 -8.99 -15.60 31.57
N ASP A 219 -8.42 -16.73 32.00
CA ASP A 219 -8.40 -17.06 33.42
C ASP A 219 -7.03 -16.76 34.04
N GLU A 220 -6.94 -16.91 35.36
CA GLU A 220 -5.70 -16.60 36.05
C GLU A 220 -4.54 -17.41 35.51
N SER A 221 -4.78 -18.70 35.27
CA SER A 221 -3.71 -19.56 34.75
CA SER A 221 -3.72 -19.57 34.74
C SER A 221 -3.22 -19.06 33.38
N PHE A 222 -4.16 -18.63 32.53
CA PHE A 222 -3.77 -18.11 31.22
C PHE A 222 -2.79 -16.95 31.38
N ILE A 223 -3.11 -16.01 32.28
CA ILE A 223 -2.26 -14.84 32.46
C ILE A 223 -0.92 -15.22 33.08
N THR A 224 -0.93 -16.10 34.09
CA THR A 224 0.32 -16.58 34.69
C THR A 224 1.23 -17.20 33.63
N GLN A 225 0.66 -18.07 32.78
CA GLN A 225 1.50 -18.72 31.79
C GLN A 225 1.95 -17.74 30.71
N TRP A 226 1.07 -16.80 30.33
CA TRP A 226 1.45 -15.79 29.33
C TRP A 226 2.76 -15.11 29.72
N LYS A 227 2.86 -14.69 30.98
CA LYS A 227 4.04 -13.97 31.47
C LYS A 227 5.31 -14.79 31.51
N ARG A 228 5.22 -16.10 31.36
CA ARG A 228 6.42 -16.92 31.38
C ARG A 228 7.02 -17.12 30.00
N TYR A 229 6.29 -16.77 28.94
CA TYR A 229 6.78 -17.04 27.60
C TYR A 229 7.69 -15.91 27.13
N ARG A 230 8.65 -16.27 26.28
CA ARG A 230 9.24 -15.29 25.39
C ARG A 230 8.15 -14.77 24.45
N LEU A 231 8.17 -13.47 24.17
CA LEU A 231 7.23 -12.85 23.27
C LEU A 231 7.92 -12.43 21.97
N VAL A 232 7.17 -12.50 20.86
CA VAL A 232 7.70 -12.13 19.57
C VAL A 232 6.73 -11.15 18.91
N THR A 233 7.21 -10.50 17.85
CA THR A 233 6.41 -9.52 17.13
C THR A 233 6.78 -9.64 15.65
N PRO A 234 5.83 -9.43 14.76
CA PRO A 234 6.14 -9.66 13.33
C PRO A 234 7.11 -8.61 12.80
N THR A 235 7.86 -9.01 11.78
CA THR A 235 8.83 -8.10 11.16
C THR A 235 8.37 -7.56 9.81
N VAL A 236 7.17 -7.92 9.34
CA VAL A 236 6.56 -7.37 8.14
C VAL A 236 5.11 -7.00 8.47
N ARG A 237 4.48 -6.18 7.61
CA ARG A 237 3.18 -5.62 7.98
C ARG A 237 2.11 -6.72 8.06
N LYS A 238 1.98 -7.54 7.01
CA LYS A 238 0.98 -8.60 6.97
C LYS A 238 1.60 -9.89 6.50
N GLN A 239 1.15 -11.01 7.06
CA GLN A 239 1.56 -12.30 6.53
C GLN A 239 0.47 -13.30 6.84
N ASP A 240 0.41 -14.39 6.05
CA ASP A 240 -0.63 -15.40 6.21
C ASP A 240 -0.18 -16.51 7.16
N LEU A 241 -1.06 -16.90 8.09
CA LEU A 241 -0.74 -18.03 8.98
C LEU A 241 -1.11 -19.34 8.26
N PRO A 242 -0.38 -20.44 8.55
CA PRO A 242 -0.63 -21.69 7.84
C PRO A 242 -2.07 -22.13 7.98
N ILE A 243 -2.60 -22.69 6.90
CA ILE A 243 -3.92 -23.32 6.88
CA ILE A 243 -3.93 -23.31 6.90
C ILE A 243 -3.72 -24.80 7.12
N GLU A 244 -4.14 -25.28 8.29
CA GLU A 244 -4.02 -26.68 8.64
C GLU A 244 -5.18 -27.47 8.03
N LYS A 245 -5.16 -28.79 8.25
CA LYS A 245 -6.09 -29.68 7.57
C LYS A 245 -7.54 -29.33 7.88
N TYR A 246 -7.83 -28.90 9.11
CA TYR A 246 -9.20 -28.69 9.57
C TYR A 246 -9.54 -27.22 9.79
N ASP A 247 -8.63 -26.30 9.44
CA ASP A 247 -8.93 -24.88 9.52
C ASP A 247 -9.99 -24.52 8.49
N ILE A 248 -10.88 -23.59 8.87
CA ILE A 248 -11.90 -23.11 7.93
C ILE A 248 -11.48 -21.85 7.20
N ASN A 249 -10.46 -21.13 7.67
CA ASN A 249 -10.09 -19.85 7.08
C ASN A 249 -8.61 -19.61 7.31
N ASN A 250 -7.97 -18.90 6.37
CA ASN A 250 -6.67 -18.26 6.59
C ASN A 250 -6.81 -17.18 7.66
N LYS A 251 -5.75 -16.96 8.42
CA LYS A 251 -5.68 -15.86 9.39
C LYS A 251 -4.50 -14.97 9.05
N ILE A 252 -4.67 -13.66 9.17
CA ILE A 252 -3.61 -12.72 8.86
CA ILE A 252 -3.63 -12.68 8.85
C ILE A 252 -2.94 -12.27 10.14
N LEU A 253 -1.63 -12.37 10.18
CA LEU A 253 -0.83 -11.87 11.31
C LEU A 253 -0.32 -10.47 10.97
N GLU A 254 -0.58 -9.49 11.85
CA GLU A 254 -0.31 -8.09 11.55
C GLU A 254 0.84 -7.57 12.42
N ALA A 255 1.69 -6.73 11.82
CA ALA A 255 2.70 -6.06 12.63
C ALA A 255 2.03 -5.30 13.78
N GLY A 256 2.75 -5.24 14.89
CA GLY A 256 2.21 -4.69 16.13
C GLY A 256 1.72 -5.75 17.10
N SER A 257 1.43 -6.95 16.60
CA SER A 257 1.02 -8.04 17.48
C SER A 257 2.19 -8.46 18.36
N ILE A 258 1.87 -8.93 19.56
CA ILE A 258 2.84 -9.35 20.54
C ILE A 258 2.34 -10.70 21.06
N LEU A 259 3.07 -11.78 20.74
CA LEU A 259 2.52 -13.11 20.95
C LEU A 259 3.59 -14.04 21.53
N PRO A 260 3.17 -15.07 22.28
CA PRO A 260 4.13 -16.03 22.80
C PRO A 260 4.81 -16.86 21.70
N GLU A 261 6.00 -17.37 22.04
CA GLU A 261 6.72 -18.25 21.14
C GLU A 261 7.47 -19.28 21.98
N HIS A 262 7.43 -20.52 21.53
CA HIS A 262 8.12 -21.61 22.23
C HIS A 262 8.79 -22.49 21.17
N LYS A 263 10.08 -22.74 21.34
CA LYS A 263 10.85 -23.58 20.40
C LYS A 263 10.70 -23.08 18.96
N GLY A 264 10.63 -21.76 18.81
CA GLY A 264 10.55 -21.13 17.51
C GLY A 264 9.20 -21.11 16.85
N LYS A 265 8.17 -21.61 17.53
CA LYS A 265 6.81 -21.64 16.99
C LYS A 265 5.97 -20.61 17.72
N LEU A 266 5.28 -19.80 16.94
CA LEU A 266 4.31 -18.84 17.45
C LEU A 266 3.15 -19.56 18.13
N LYS A 267 2.59 -18.94 19.19
CA LYS A 267 1.33 -19.38 19.74
C LYS A 267 0.31 -18.26 19.62
N ILE A 268 -0.92 -18.60 19.26
CA ILE A 268 -1.96 -17.57 19.14
C ILE A 268 -3.11 -17.96 20.04
N PRO A 269 -3.78 -17.00 20.67
CA PRO A 269 -4.95 -17.33 21.50
C PRO A 269 -6.13 -17.59 20.59
N VAL A 270 -6.87 -18.63 20.91
CA VAL A 270 -8.09 -18.95 20.18
CA VAL A 270 -8.07 -19.03 20.19
C VAL A 270 -9.20 -19.16 21.20
N LYS A 271 -10.44 -18.94 20.74
CA LYS A 271 -11.60 -19.05 21.63
C LYS A 271 -12.04 -20.50 21.73
N ASP A 272 -12.06 -21.04 22.95
CA ASP A 272 -12.49 -22.42 23.18
C ASP A 272 -14.03 -22.49 23.25
N LYS A 273 -14.55 -23.72 23.38
CA LYS A 273 -15.99 -23.91 23.36
C LYS A 273 -16.70 -23.23 24.54
N ASN A 274 -15.99 -22.97 25.62
CA ASN A 274 -16.56 -22.31 26.78
C ASN A 274 -16.40 -20.80 26.73
N GLY A 275 -15.88 -20.25 25.63
CA GLY A 275 -15.66 -18.82 25.50
C GLY A 275 -14.36 -18.30 26.06
N THR A 276 -13.51 -19.15 26.62
CA THR A 276 -12.23 -18.73 27.17
C THR A 276 -11.12 -18.97 26.17
N ALA A 277 -10.03 -18.22 26.32
CA ALA A 277 -8.90 -18.34 25.42
C ALA A 277 -7.99 -19.50 25.80
N THR A 278 -7.46 -20.15 24.76
CA THR A 278 -6.40 -21.14 24.92
CA THR A 278 -6.43 -21.18 24.88
C THR A 278 -5.37 -20.88 23.83
N LEU A 279 -4.10 -21.17 24.14
CA LEU A 279 -3.05 -20.96 23.16
C LEU A 279 -2.98 -22.14 22.17
N LEU A 280 -2.86 -21.80 20.89
CA LEU A 280 -2.67 -22.77 19.83
C LEU A 280 -1.30 -22.57 19.20
N THR A 281 -0.52 -23.66 19.09
CA THR A 281 0.77 -23.57 18.42
C THR A 281 0.60 -23.55 16.91
N VAL A 282 1.27 -22.61 16.24
CA VAL A 282 1.20 -22.44 14.79
C VAL A 282 2.47 -22.99 14.16
N ASN A 283 2.33 -23.73 13.06
CA ASN A 283 3.53 -24.12 12.29
C ASN A 283 4.18 -22.85 11.73
N SER A 284 5.40 -22.55 12.18
CA SER A 284 5.98 -21.24 11.99
CA SER A 284 5.97 -21.22 11.96
C SER A 284 7.17 -21.21 11.03
N LYS A 285 7.43 -22.31 10.31
CA LYS A 285 8.62 -22.38 9.47
C LYS A 285 8.79 -21.16 8.56
N ASN A 286 7.70 -20.68 7.95
CA ASN A 286 7.79 -19.61 6.97
C ASN A 286 7.40 -18.25 7.51
N LEU A 287 7.27 -18.12 8.83
CA LEU A 287 6.77 -16.87 9.40
C LEU A 287 7.92 -15.91 9.68
N LYS A 288 7.61 -14.61 9.70
CA LYS A 288 8.61 -13.54 9.84
C LYS A 288 8.31 -12.78 11.14
N PHE A 289 9.11 -13.06 12.17
CA PHE A 289 8.94 -12.42 13.46
C PHE A 289 10.28 -12.40 14.18
N THR A 290 10.32 -11.64 15.27
CA THR A 290 11.54 -11.51 16.05
C THR A 290 11.19 -11.31 17.52
N THR A 291 12.14 -11.61 18.41
N THR A 291 12.15 -11.57 18.40
CA THR A 291 11.88 -11.43 19.82
CA THR A 291 11.91 -11.40 19.82
C THR A 291 11.51 -9.98 20.12
C THR A 291 11.51 -9.95 20.12
N TRP A 292 10.47 -9.80 20.93
CA TRP A 292 9.94 -8.50 21.30
C TRP A 292 10.44 -8.14 22.70
N PRO A 293 10.76 -6.86 23.00
CA PRO A 293 10.74 -5.75 22.05
C PRO A 293 11.89 -5.79 21.06
N MET A 294 11.61 -5.32 19.84
CA MET A 294 12.67 -5.23 18.85
C MET A 294 13.70 -4.21 19.32
N THR A 295 14.97 -4.45 19.01
CA THR A 295 16.02 -3.54 19.42
C THR A 295 15.84 -2.19 18.73
N PRO A 296 15.95 -1.05 19.48
CA PRO A 296 15.66 0.27 18.93
C PRO A 296 16.83 0.89 18.17
N SER A 297 17.36 0.15 17.19
CA SER A 297 18.45 0.61 16.37
C SER A 297 17.92 1.50 15.25
N TYR A 298 18.78 2.39 14.75
CA TYR A 298 18.39 3.12 13.53
C TYR A 298 18.02 2.15 12.40
N LYS A 299 18.80 1.06 12.22
CA LYS A 299 18.48 0.09 11.17
C LYS A 299 17.08 -0.48 11.33
N ASN A 300 16.72 -0.92 12.56
CA ASN A 300 15.40 -1.52 12.75
C ASN A 300 14.28 -0.52 12.57
N PHE A 301 14.46 0.72 13.07
CA PHE A 301 13.43 1.74 12.82
C PHE A 301 13.23 1.95 11.32
N ALA A 302 14.35 2.00 10.57
CA ALA A 302 14.28 2.20 9.11
C ALA A 302 13.55 1.04 8.44
N HIS A 303 13.88 -0.21 8.81
CA HIS A 303 13.17 -1.33 8.18
C HIS A 303 11.69 -1.26 8.46
N GLN A 304 11.32 -0.95 9.71
CA GLN A 304 9.90 -0.94 10.05
C GLN A 304 9.18 0.22 9.35
N ILE A 305 9.79 1.41 9.36
CA ILE A 305 9.24 2.53 8.59
C ILE A 305 9.01 2.14 7.14
N ASN A 306 10.03 1.52 6.53
CA ASN A 306 9.90 1.17 5.13
C ASN A 306 8.76 0.19 4.89
N ASN A 307 8.48 -0.69 5.85
CA ASN A 307 7.40 -1.66 5.67
C ASN A 307 6.01 -1.02 5.68
N TYR A 308 5.87 0.19 6.25
CA TYR A 308 4.58 0.87 6.28
C TYR A 308 4.34 1.80 5.10
N ILE A 309 5.42 2.23 4.43
CA ILE A 309 5.26 3.18 3.35
C ILE A 309 4.36 2.59 2.28
N GLY A 310 3.41 3.38 1.82
CA GLY A 310 2.44 2.95 0.85
C GLY A 310 1.17 2.34 1.43
N MET A 311 1.10 2.10 2.75
CA MET A 311 -0.15 1.64 3.33
C MET A 311 -1.23 2.71 3.15
N PRO A 312 -2.40 2.38 2.62
CA PRO A 312 -3.45 3.40 2.47
C PRO A 312 -3.79 4.03 3.82
N TYR A 313 -4.20 5.30 3.76
CA TYR A 313 -4.74 5.99 4.94
C TYR A 313 -6.10 5.41 5.30
N GLY A 314 -6.22 4.89 6.53
CA GLY A 314 -7.49 4.39 7.01
C GLY A 314 -7.95 5.16 8.25
N TRP A 315 -8.94 6.05 8.10
CA TRP A 315 -9.48 6.75 9.28
C TRP A 315 -9.86 5.74 10.36
N GLY A 316 -9.41 5.98 11.58
CA GLY A 316 -9.82 5.08 12.66
C GLY A 316 -9.31 3.65 12.53
N GLY A 317 -8.32 3.39 11.65
CA GLY A 317 -7.92 2.01 11.39
C GLY A 317 -8.81 1.29 10.41
N MET A 318 -9.63 2.02 9.65
N MET A 318 -9.63 2.02 9.65
CA MET A 318 -10.55 1.44 8.67
CA MET A 318 -10.53 1.46 8.66
C MET A 318 -9.86 0.39 7.81
C MET A 318 -9.85 0.38 7.81
N ASP A 319 -10.47 -0.80 7.77
CA ASP A 319 -10.00 -1.91 6.94
C ASP A 319 -8.57 -2.32 7.28
N PHE A 320 -8.15 -2.06 8.53
CA PHE A 320 -6.84 -2.46 9.06
C PHE A 320 -5.69 -1.66 8.46
N ASN A 321 -6.02 -0.53 7.82
CA ASN A 321 -5.02 0.46 7.41
C ASN A 321 -5.02 1.61 8.41
N ASN A 322 -3.84 2.05 8.82
CA ASN A 322 -3.78 3.02 9.92
C ASN A 322 -3.98 4.45 9.44
N ASP A 323 -4.37 5.27 10.42
CA ASP A 323 -4.44 6.72 10.28
C ASP A 323 -3.18 7.34 10.90
N OCS A 324 -3.20 8.67 10.99
CA OCS A 324 -2.01 9.41 11.39
CB OCS A 324 -2.30 10.94 11.41
SG OCS A 324 -3.97 11.40 12.03
C OCS A 324 -1.45 8.95 12.74
O OCS A 324 -0.28 8.59 12.87
OD1 OCS A 324 -4.93 10.99 11.00
OD2 OCS A 324 -4.29 10.70 13.23
OD3 OCS A 324 -4.01 12.82 12.14
N SER A 325 -2.29 9.00 13.76
CA SER A 325 -1.80 8.65 15.09
C SER A 325 -1.67 7.13 15.28
N GLY A 326 -2.57 6.36 14.63
CA GLY A 326 -2.47 4.92 14.77
C GLY A 326 -1.19 4.37 14.16
N LEU A 327 -0.74 4.98 13.05
CA LEU A 327 0.52 4.56 12.45
C LEU A 327 1.65 4.66 13.46
N LEU A 328 1.74 5.81 14.14
CA LEU A 328 2.84 6.03 15.06
C LEU A 328 2.74 5.12 16.28
N LYS A 329 1.54 4.98 16.86
CA LYS A 329 1.36 4.05 17.97
C LYS A 329 1.82 2.64 17.57
N ARG A 330 1.49 2.23 16.33
CA ARG A 330 1.80 0.88 15.90
C ARG A 330 3.32 0.71 15.73
N LEU A 331 3.96 1.66 15.03
CA LEU A 331 5.41 1.56 14.83
C LEU A 331 6.11 1.42 16.17
N PHE A 332 5.76 2.28 17.13
CA PHE A 332 6.49 2.30 18.40
C PHE A 332 6.23 1.05 19.22
N SER A 333 5.03 0.44 19.05
CA SER A 333 4.69 -0.75 19.83
C SER A 333 5.67 -1.88 19.57
N THR A 334 6.15 -2.01 18.33
CA THR A 334 7.12 -3.05 17.96
C THR A 334 8.39 -2.96 18.81
N PHE A 335 8.72 -1.76 19.27
CA PHE A 335 9.90 -1.47 20.08
C PHE A 335 9.59 -1.41 21.58
N GLY A 336 8.35 -1.71 21.97
CA GLY A 336 8.00 -1.56 23.38
C GLY A 336 7.96 -0.13 23.87
N ILE A 337 7.51 0.80 23.02
CA ILE A 337 7.35 2.19 23.38
C ILE A 337 5.88 2.49 23.19
N TRP A 338 5.21 2.93 24.27
CA TRP A 338 3.76 3.01 24.29
C TRP A 338 3.31 4.44 24.03
N LEU A 339 2.47 4.62 23.01
CA LEU A 339 1.79 5.88 22.75
C LEU A 339 0.29 5.69 22.91
N PRO A 340 -0.43 6.73 23.32
CA PRO A 340 -1.91 6.67 23.29
C PRO A 340 -2.47 6.61 21.90
N ARG A 341 -3.79 6.44 21.76
CA ARG A 341 -4.39 6.18 20.47
C ARG A 341 -4.42 7.39 19.54
N SER A 342 -4.82 8.57 20.05
CA SER A 342 -5.18 9.72 19.22
CA SER A 342 -5.14 9.68 19.18
C SER A 342 -4.09 10.79 19.25
N SER A 343 -4.11 11.64 18.21
CA SER A 343 -3.08 12.69 18.08
C SER A 343 -3.04 13.64 19.27
N PHE A 344 -4.21 14.05 19.79
CA PHE A 344 -4.21 14.99 20.91
C PHE A 344 -3.55 14.37 22.13
N TYR A 345 -3.87 13.10 22.40
CA TYR A 345 -3.30 12.46 23.58
C TYR A 345 -1.83 12.13 23.39
N GLN A 346 -1.42 11.80 22.15
CA GLN A 346 0.01 11.61 21.89
C GLN A 346 0.75 12.91 22.13
N ALA A 347 0.25 14.01 21.54
CA ALA A 347 0.95 15.28 21.63
C ALA A 347 1.08 15.76 23.07
N ASN A 348 0.04 15.52 23.89
CA ASN A 348 0.01 16.06 25.23
C ASN A 348 0.52 15.09 26.30
N TYR A 349 0.48 13.78 26.07
CA TYR A 349 0.77 12.83 27.14
C TYR A 349 1.89 11.87 26.83
N ALA A 350 2.43 11.87 25.61
CA ALA A 350 3.63 11.07 25.38
C ALA A 350 4.91 11.79 25.82
N GLY A 351 4.81 13.06 26.14
CA GLY A 351 5.95 13.84 26.57
C GLY A 351 5.45 15.22 26.92
N GLN A 352 6.39 16.12 27.24
CA GLN A 352 6.06 17.52 27.51
C GLN A 352 5.85 18.24 26.19
N ILE A 353 4.61 18.69 25.93
CA ILE A 353 4.30 19.38 24.68
C ILE A 353 4.97 20.74 24.67
N TYR A 354 5.46 21.14 23.51
CA TYR A 354 6.00 22.47 23.27
C TYR A 354 5.15 23.09 22.16
N SER A 355 4.33 24.06 22.52
CA SER A 355 3.43 24.71 21.56
C SER A 355 4.12 25.89 20.89
N MET A 356 4.05 25.92 19.57
CA MET A 356 4.58 27.02 18.77
C MET A 356 3.46 27.88 18.20
N TYR A 357 2.32 27.89 18.90
CA TYR A 357 1.18 28.75 18.57
C TYR A 357 1.59 30.22 18.42
N ASP A 358 2.48 30.70 19.27
CA ASP A 358 2.83 32.12 19.19
C ASP A 358 4.01 32.39 18.29
N GLN A 359 4.39 31.45 17.42
CA GLN A 359 5.62 31.56 16.67
C GLN A 359 5.35 31.53 15.17
N SER A 360 6.11 32.35 14.43
CA SER A 360 5.85 32.52 13.01
C SER A 360 6.36 31.30 12.24
N GLU A 361 5.95 31.23 10.97
CA GLU A 361 6.51 30.22 10.08
C GLU A 361 8.03 30.25 10.11
N GLU A 362 8.59 31.45 10.06
CA GLU A 362 10.05 31.57 10.08
C GLU A 362 10.63 30.96 11.34
N GLN A 363 10.03 31.25 12.50
CA GLN A 363 10.55 30.71 13.75
C GLN A 363 10.39 29.20 13.82
N ARG A 364 9.26 28.67 13.34
CA ARG A 364 9.04 27.23 13.34
C ARG A 364 10.08 26.53 12.46
N LYS A 365 10.37 27.07 11.28
CA LYS A 365 11.37 26.47 10.42
C LYS A 365 12.76 26.59 11.03
N GLU A 366 13.04 27.69 11.73
CA GLU A 366 14.32 27.82 12.41
C GLU A 366 14.55 26.68 13.40
N LEU A 367 13.51 26.32 14.16
CA LEU A 367 13.66 25.22 15.12
C LEU A 367 13.80 23.88 14.41
N LEU A 368 12.88 23.56 13.50
CA LEU A 368 12.85 22.22 12.94
C LEU A 368 13.90 21.99 11.86
N VAL A 369 14.38 23.04 11.21
CA VAL A 369 15.33 22.89 10.12
C VAL A 369 16.75 23.13 10.60
N GLU A 370 16.97 24.23 11.33
CA GLU A 370 18.30 24.58 11.77
C GLU A 370 18.60 24.16 13.20
N GLN A 371 17.61 23.64 13.92
CA GLN A 371 17.69 23.41 15.36
C GLN A 371 18.20 24.66 16.09
N GLU A 372 17.56 25.78 15.82
CA GLU A 372 17.88 27.04 16.46
C GLU A 372 17.08 27.28 17.73
N GLY A 373 16.51 26.23 18.30
CA GLY A 373 15.44 26.41 19.25
C GLY A 373 15.87 26.44 20.69
N SER A 374 14.92 26.88 21.53
CA SER A 374 15.09 26.79 22.97
C SER A 374 15.31 25.35 23.41
N ILE A 375 14.74 24.39 22.67
CA ILE A 375 14.82 22.97 22.99
C ILE A 375 15.55 22.24 21.87
N GLN A 376 15.94 21.00 22.15
CA GLN A 376 16.63 20.13 21.19
C GLN A 376 15.64 19.07 20.71
N LEU A 377 15.36 19.06 19.40
CA LEU A 377 14.50 18.05 18.79
C LEU A 377 15.34 16.84 18.40
N ILE A 378 14.75 15.65 18.49
CA ILE A 378 15.48 14.41 18.25
CA ILE A 378 15.49 14.42 18.25
C ILE A 378 14.85 13.66 17.10
N PRO A 379 15.52 13.52 15.97
CA PRO A 379 14.97 12.72 14.87
C PRO A 379 14.62 11.32 15.34
N PHE A 380 13.46 10.85 14.90
CA PHE A 380 12.90 9.54 15.22
C PHE A 380 12.32 9.47 16.62
N MET A 381 12.39 10.54 17.42
CA MET A 381 11.92 10.52 18.80
C MET A 381 11.11 11.75 19.15
N THR A 382 10.63 12.50 18.17
CA THR A 382 9.84 13.72 18.42
C THR A 382 8.60 13.66 17.55
N LEU A 383 7.44 13.92 18.13
CA LEU A 383 6.21 14.00 17.38
C LEU A 383 5.95 15.47 17.03
N VAL A 384 5.58 15.73 15.79
CA VAL A 384 5.14 17.06 15.36
CA VAL A 384 5.14 17.06 15.38
C VAL A 384 3.65 16.98 15.11
N SER A 385 2.87 17.86 15.75
CA SER A 385 1.43 17.83 15.61
C SER A 385 0.94 19.20 15.13
N PHE A 386 -0.23 19.18 14.49
CA PHE A 386 -0.76 20.33 13.76
C PHE A 386 -2.25 20.40 14.04
N GLY A 387 -2.79 21.60 14.16
CA GLY A 387 -4.23 21.71 14.32
C GLY A 387 -4.72 23.10 13.98
N ASN A 388 -6.05 23.28 14.06
CA ASN A 388 -6.72 24.51 13.66
CA ASN A 388 -6.68 24.53 13.64
C ASN A 388 -6.96 25.48 14.81
N SER A 389 -6.52 25.14 16.01
CA SER A 389 -6.59 26.03 17.17
C SER A 389 -5.35 25.76 18.03
N LYS A 390 -5.12 26.63 19.03
CA LYS A 390 -3.94 26.48 19.87
C LYS A 390 -3.81 25.08 20.45
N THR A 391 -4.92 24.49 20.92
CA THR A 391 -4.85 23.24 21.65
C THR A 391 -5.34 22.02 20.87
N SER A 392 -6.02 22.19 19.74
CA SER A 392 -6.51 20.99 19.06
C SER A 392 -5.49 20.45 18.07
N THR A 393 -5.63 19.17 17.77
CA THR A 393 -4.78 18.57 16.77
C THR A 393 -5.62 17.81 15.75
N SER A 394 -5.22 17.94 14.49
CA SER A 394 -5.85 17.19 13.41
C SER A 394 -4.84 16.46 12.54
N HIS A 395 -3.56 16.52 12.85
CA HIS A 395 -2.56 15.72 12.16
C HIS A 395 -1.36 15.55 13.07
N ILE A 396 -0.62 14.45 12.89
CA ILE A 396 0.58 14.23 13.66
C ILE A 396 1.54 13.39 12.81
N GLY A 397 2.83 13.59 13.01
CA GLY A 397 3.83 12.75 12.37
C GLY A 397 5.09 12.64 13.22
N LEU A 398 6.01 11.78 12.80
CA LEU A 398 7.25 11.52 13.52
C LEU A 398 8.38 12.30 12.84
N TYR A 399 8.89 13.33 13.50
CA TYR A 399 10.02 14.10 12.98
C TYR A 399 11.20 13.20 12.67
N MET A 400 11.78 13.37 11.48
CA MET A 400 12.91 12.55 11.05
C MET A 400 14.17 13.37 10.76
N GLY A 401 14.19 14.65 11.13
CA GLY A 401 15.35 15.47 10.80
C GLY A 401 15.14 16.27 9.52
N THR A 402 16.18 16.36 8.69
CA THR A 402 16.14 17.18 7.48
C THR A 402 16.67 16.40 6.28
N THR A 403 16.43 16.97 5.09
CA THR A 403 16.98 16.45 3.84
C THR A 403 17.15 17.61 2.89
N GLU A 404 17.91 17.38 1.81
CA GLU A 404 18.02 18.34 0.73
C GLU A 404 16.91 18.05 -0.28
N TYR A 405 16.04 19.05 -0.51
CA TYR A 405 14.93 18.90 -1.44
C TYR A 405 14.78 20.19 -2.22
N ASN A 406 14.91 20.11 -3.54
CA ASN A 406 14.96 21.30 -4.40
C ASN A 406 16.07 22.26 -3.97
N HIS A 407 17.26 21.71 -3.72
CA HIS A 407 18.43 22.51 -3.32
C HIS A 407 18.15 23.35 -2.07
N ASN A 408 17.26 22.88 -1.22
CA ASN A 408 16.98 23.53 0.03
C ASN A 408 16.95 22.47 1.12
N LYS A 409 17.43 22.82 2.30
CA LYS A 409 17.30 21.94 3.45
C LYS A 409 15.88 22.06 3.99
N VAL A 410 15.16 20.94 4.05
CA VAL A 410 13.78 20.91 4.54
C VAL A 410 13.66 19.90 5.67
N ALA A 411 12.82 20.22 6.64
CA ALA A 411 12.47 19.26 7.69
C ALA A 411 11.48 18.22 7.16
N ILE A 412 11.59 16.97 7.68
CA ILE A 412 10.80 15.85 7.18
C ILE A 412 10.16 15.05 8.31
N MET A 413 9.13 14.29 7.96
CA MET A 413 8.46 13.45 8.96
C MET A 413 7.92 12.18 8.31
N PHE A 414 7.82 11.14 9.13
CA PHE A 414 7.13 9.90 8.76
C PHE A 414 5.69 10.05 9.20
N ASN A 415 4.73 9.88 8.29
CA ASN A 415 3.35 10.17 8.69
C ASN A 415 2.35 9.53 7.73
N ALA A 416 1.09 9.47 8.15
CA ALA A 416 -0.03 9.00 7.34
C ALA A 416 -0.99 10.16 7.20
N PRO A 417 -0.90 10.94 6.12
CA PRO A 417 -1.83 12.05 5.91
C PRO A 417 -2.91 11.68 4.92
N TRP A 418 -4.11 12.23 5.04
CA TRP A 418 -5.11 12.07 4.02
C TRP A 418 -4.90 13.07 2.90
N GLY A 419 -4.92 14.36 3.21
CA GLY A 419 -4.72 15.37 2.19
C GLY A 419 -4.57 16.73 2.81
N VAL A 420 -3.95 17.61 2.09
CA VAL A 420 -3.74 18.96 2.63
C VAL A 420 -4.90 19.84 2.21
N LYS A 421 -5.36 20.71 3.11
CA LYS A 421 -6.48 21.57 2.80
C LYS A 421 -6.12 22.59 1.70
N LEU A 422 -7.06 22.79 0.78
CA LEU A 422 -6.98 23.83 -0.24
C LEU A 422 -8.20 24.71 -0.12
N VAL A 423 -8.07 25.98 -0.53
CA VAL A 423 -9.22 26.89 -0.57
C VAL A 423 -9.22 27.61 -1.92
N ASN A 424 -10.39 27.71 -2.56
CA ASN A 424 -10.44 28.44 -3.83
C ASN A 424 -10.88 29.89 -3.61
N GLY A 425 -11.06 30.62 -4.71
CA GLY A 425 -11.37 32.04 -4.62
C GLY A 425 -12.74 32.34 -4.05
N ASN A 426 -13.65 31.35 -4.04
CA ASN A 426 -14.96 31.45 -3.40
C ASN A 426 -14.97 30.94 -1.97
N ASN A 427 -13.80 30.71 -1.40
CA ASN A 427 -13.67 30.14 -0.05
C ASN A 427 -14.28 28.73 0.05
N GLU A 428 -14.38 28.01 -1.05
CA GLU A 428 -14.75 26.59 -1.02
C GLU A 428 -13.50 25.73 -0.75
N GLN A 429 -13.68 24.66 0.00
N GLN A 429 -13.69 24.65 -0.01
CA GLN A 429 -12.55 23.81 0.37
CA GLN A 429 -12.57 23.79 0.37
C GLN A 429 -12.27 22.73 -0.65
C GLN A 429 -12.26 22.75 -0.70
N GLY A 430 -11.00 22.30 -0.68
CA GLY A 430 -10.58 21.18 -1.49
C GLY A 430 -9.51 20.43 -0.72
N ARG A 431 -9.03 19.34 -1.32
CA ARG A 431 -7.93 18.59 -0.71
C ARG A 431 -6.90 18.27 -1.77
N ALA A 432 -5.63 18.43 -1.41
CA ALA A 432 -4.51 17.88 -2.18
C ALA A 432 -4.28 16.49 -1.58
N LEU A 433 -4.74 15.45 -2.29
CA LEU A 433 -4.77 14.10 -1.74
C LEU A 433 -3.40 13.44 -1.74
N VAL A 434 -3.09 12.79 -0.62
CA VAL A 434 -1.93 11.93 -0.46
C VAL A 434 -2.43 10.51 -0.22
N GLY A 435 -3.04 10.27 0.94
CA GLY A 435 -3.85 9.07 1.11
C GLY A 435 -3.07 7.80 1.38
N GLN A 436 -1.81 7.91 1.80
CA GLN A 436 -0.97 6.76 2.07
C GLN A 436 0.14 7.20 3.02
N THR A 437 0.68 6.23 3.77
CA THR A 437 1.82 6.51 4.63
C THR A 437 3.05 6.82 3.78
N LEU A 438 3.75 7.90 4.13
CA LEU A 438 4.93 8.34 3.39
C LEU A 438 5.91 9.02 4.32
N ILE A 439 7.16 9.13 3.87
CA ILE A 439 8.08 10.14 4.42
C ILE A 439 7.87 11.41 3.61
N THR A 440 7.55 12.53 4.28
CA THR A 440 7.25 13.75 3.55
C THR A 440 7.98 14.94 4.17
N PRO A 441 8.14 16.04 3.43
CA PRO A 441 8.45 17.32 4.08
C PRO A 441 7.39 17.60 5.14
N ILE A 442 7.77 18.38 6.16
CA ILE A 442 6.78 18.88 7.10
C ILE A 442 5.69 19.63 6.34
N GLY A 443 6.10 20.52 5.42
CA GLY A 443 5.18 21.29 4.61
C GLY A 443 4.71 20.46 3.42
N ILE A 444 3.89 19.44 3.71
CA ILE A 444 3.43 18.53 2.65
C ILE A 444 2.84 19.34 1.51
N GLY A 445 3.32 19.10 0.28
CA GLY A 445 2.77 19.76 -0.87
C GLY A 445 3.16 21.21 -1.08
N ASP A 446 3.97 21.80 -0.21
CA ASP A 446 4.35 23.20 -0.39
C ASP A 446 5.02 23.42 -1.73
N ALA A 447 5.71 22.39 -2.23
CA ALA A 447 6.39 22.50 -3.51
C ALA A 447 5.42 22.72 -4.67
N PHE A 448 4.15 22.38 -4.49
CA PHE A 448 3.12 22.46 -5.52
C PHE A 448 2.23 23.69 -5.37
N THR A 449 2.58 24.57 -4.42
CA THR A 449 1.73 25.72 -4.12
C THR A 449 1.55 26.59 -5.35
N GLU A 450 2.64 26.90 -6.06
CA GLU A 450 2.54 27.78 -7.22
C GLU A 450 1.67 27.15 -8.31
N GLY A 451 1.90 25.86 -8.62
CA GLY A 451 1.10 25.21 -9.64
C GLY A 451 -0.37 25.13 -9.28
N LEU A 452 -0.66 24.83 -8.01
CA LEU A 452 -2.05 24.82 -7.56
C LEU A 452 -2.69 26.21 -7.65
N SER A 453 -1.94 27.24 -7.27
CA SER A 453 -2.48 28.60 -7.30
CA SER A 453 -2.49 28.60 -7.29
C SER A 453 -2.87 29.01 -8.70
N ASN A 454 -2.15 28.50 -9.73
CA ASN A 454 -2.52 28.85 -11.09
C ASN A 454 -3.86 28.27 -11.51
N GLN A 455 -4.37 27.27 -10.77
CA GLN A 455 -5.71 26.73 -11.03
C GLN A 455 -6.70 27.19 -9.95
N ASP A 456 -6.40 28.29 -9.26
CA ASP A 456 -7.28 28.93 -8.27
C ASP A 456 -7.41 28.14 -6.98
N TRP A 457 -6.43 27.30 -6.63
CA TRP A 457 -6.44 26.60 -5.35
C TRP A 457 -5.27 27.08 -4.51
N ALA A 458 -5.56 27.56 -3.30
CA ALA A 458 -4.53 28.02 -2.37
C ALA A 458 -4.28 26.90 -1.36
N LEU A 459 -3.09 26.33 -1.41
CA LEU A 459 -2.71 25.30 -0.44
C LEU A 459 -2.44 25.91 0.92
N GLN A 460 -2.99 25.30 1.96
CA GLN A 460 -2.87 25.80 3.34
C GLN A 460 -1.70 25.04 3.95
N SER A 461 -0.53 25.70 4.01
CA SER A 461 0.69 25.00 4.43
C SER A 461 0.61 24.54 5.88
N LEU A 462 1.07 23.32 6.14
CA LEU A 462 1.13 22.85 7.53
CA LEU A 462 1.12 22.85 7.53
C LEU A 462 1.99 23.75 8.40
N TRP A 463 2.98 24.44 7.80
CA TRP A 463 3.80 25.37 8.58
C TRP A 463 2.99 26.54 9.11
N ASN A 464 1.80 26.81 8.53
CA ASN A 464 0.98 27.92 8.97
C ASN A 464 -0.21 27.48 9.83
N ALA A 465 -0.22 26.23 10.28
CA ALA A 465 -1.32 25.75 11.12
C ALA A 465 -1.40 26.59 12.39
N VAL A 466 -2.63 26.85 12.84
CA VAL A 466 -2.80 27.65 14.05
C VAL A 466 -2.15 26.96 15.24
N GLY A 467 -2.42 25.65 15.37
CA GLY A 467 -1.76 24.80 16.36
C GLY A 467 -0.60 24.07 15.71
N PHE A 468 0.54 24.10 16.40
CA PHE A 468 1.75 23.49 15.85
C PHE A 468 2.64 23.19 17.05
N ASN A 469 3.00 21.94 17.25
CA ASN A 469 3.63 21.53 18.51
C ASN A 469 4.69 20.49 18.23
N THR A 470 5.68 20.39 19.10
CA THR A 470 6.60 19.27 19.13
C THR A 470 6.53 18.62 20.50
N THR A 471 6.67 17.29 20.53
CA THR A 471 6.65 16.53 21.78
C THR A 471 7.78 15.51 21.73
N LEU A 472 8.77 15.65 22.61
CA LEU A 472 9.81 14.64 22.71
C LEU A 472 9.27 13.39 23.38
N LEU A 473 9.68 12.22 22.90
CA LEU A 473 9.30 10.97 23.53
C LEU A 473 10.29 10.49 24.58
N THR A 474 11.51 11.03 24.58
CA THR A 474 12.60 10.50 25.38
C THR A 474 12.36 10.60 26.87
N GLU A 475 11.30 11.28 27.31
CA GLU A 475 10.93 11.37 28.71
C GLU A 475 9.72 10.45 28.95
N THR A 476 9.93 9.38 29.71
CA THR A 476 8.83 8.49 30.04
C THR A 476 8.03 9.08 31.19
N PRO A 477 6.68 9.07 31.11
CA PRO A 477 5.82 9.59 32.19
C PRO A 477 6.02 8.87 33.53
N ASN B 22 -15.94 15.69 -7.98
CA ASN B 22 -15.18 15.33 -9.19
C ASN B 22 -14.44 14.04 -9.07
N ASN B 23 -13.48 13.98 -8.15
CA ASN B 23 -12.97 12.70 -7.65
C ASN B 23 -13.63 12.41 -6.31
N ILE B 24 -14.41 11.35 -6.24
N ILE B 24 -14.29 11.26 -6.20
CA ILE B 24 -14.99 10.84 -5.01
CA ILE B 24 -15.04 10.83 -5.00
C ILE B 24 -14.20 9.60 -4.63
C ILE B 24 -14.65 9.41 -4.61
N THR B 25 -14.26 9.20 -3.37
CA THR B 25 -13.79 7.87 -2.99
C THR B 25 -14.97 6.92 -2.84
N ILE B 26 -14.72 5.63 -3.05
CA ILE B 26 -15.69 4.58 -2.70
C ILE B 26 -15.07 3.56 -1.75
N PRO B 27 -15.89 2.96 -0.89
CA PRO B 27 -15.39 1.95 0.07
C PRO B 27 -14.82 0.70 -0.62
N ILE B 28 -13.88 0.03 0.07
CA ILE B 28 -13.53 -1.34 -0.30
C ILE B 28 -14.74 -2.22 -0.12
N GLU B 29 -15.01 -3.11 -1.09
CA GLU B 29 -16.28 -3.84 -1.13
C GLU B 29 -16.23 -5.22 -0.49
N ILE B 30 -15.26 -6.04 -0.85
CA ILE B 30 -15.23 -7.43 -0.43
C ILE B 30 -13.94 -7.75 0.34
N THR B 31 -13.89 -8.96 0.88
CA THR B 31 -12.79 -9.36 1.77
C THR B 31 -11.47 -9.36 1.01
N GLN B 32 -10.47 -8.70 1.60
CA GLN B 32 -9.14 -8.60 0.99
C GLN B 32 -8.24 -9.72 1.45
N ASP B 33 -8.58 -10.94 1.02
CA ASP B 33 -7.77 -12.12 1.32
C ASP B 33 -8.06 -13.15 0.25
N ALA B 34 -7.04 -13.47 -0.57
CA ALA B 34 -7.29 -14.38 -1.68
C ALA B 34 -7.77 -15.74 -1.19
N PHE B 35 -7.42 -16.11 0.05
CA PHE B 35 -7.85 -17.40 0.59
C PHE B 35 -9.37 -17.46 0.80
N HIS B 36 -10.05 -16.31 0.89
CA HIS B 36 -11.49 -16.33 1.04
C HIS B 36 -12.18 -16.90 -0.20
N TYR B 37 -11.46 -16.96 -1.33
CA TYR B 37 -12.02 -17.34 -2.62
C TYR B 37 -11.47 -18.67 -3.13
N ILE B 38 -10.85 -19.45 -2.24
CA ILE B 38 -10.28 -20.75 -2.61
C ILE B 38 -10.86 -21.82 -1.72
N SER B 39 -11.37 -22.89 -2.34
CA SER B 39 -11.88 -24.00 -1.56
CA SER B 39 -11.89 -24.01 -1.56
C SER B 39 -10.75 -24.72 -0.83
N HIS B 40 -11.03 -25.19 0.39
CA HIS B 40 -9.99 -25.89 1.16
C HIS B 40 -9.39 -27.05 0.36
N LYS B 41 -10.23 -27.77 -0.36
CA LYS B 41 -9.74 -28.95 -1.09
C LYS B 41 -8.77 -28.58 -2.20
N ASP B 42 -8.80 -27.35 -2.69
CA ASP B 42 -7.93 -26.92 -3.78
C ASP B 42 -6.60 -26.32 -3.33
N LEU B 43 -6.36 -26.09 -2.03
CA LEU B 43 -5.19 -25.30 -1.62
C LEU B 43 -3.87 -25.81 -2.23
N ASP B 44 -3.62 -27.12 -2.16
CA ASP B 44 -2.34 -27.63 -2.59
C ASP B 44 -2.34 -28.11 -4.02
N LYS B 45 -3.47 -27.97 -4.71
CA LYS B 45 -3.54 -28.36 -6.11
C LYS B 45 -2.80 -27.31 -6.94
N ASN B 46 -2.20 -27.77 -8.03
CA ASN B 46 -1.65 -26.83 -8.98
C ASN B 46 -2.76 -26.34 -9.90
N ILE B 47 -2.73 -25.04 -10.21
CA ILE B 47 -3.81 -24.47 -11.02
C ILE B 47 -3.82 -25.04 -12.42
N ILE B 48 -2.64 -25.34 -12.96
CA ILE B 48 -2.49 -25.91 -14.29
C ILE B 48 -1.59 -27.14 -14.16
N ASP B 49 -1.67 -28.01 -15.18
CA ASP B 49 -0.99 -29.31 -15.11
C ASP B 49 0.48 -29.21 -15.52
N LYS B 50 1.19 -30.32 -15.38
CA LYS B 50 2.64 -30.32 -15.54
C LYS B 50 3.06 -29.96 -16.98
N TYR B 51 2.34 -30.50 -17.97
CA TYR B 51 2.64 -30.16 -19.38
C TYR B 51 2.43 -28.67 -19.61
N THR B 52 1.35 -28.11 -19.08
CA THR B 52 1.06 -26.71 -19.32
C THR B 52 2.08 -25.78 -18.66
N ILE B 53 2.44 -26.06 -17.41
CA ILE B 53 3.38 -25.11 -16.81
C ILE B 53 4.76 -25.28 -17.46
N ARG B 54 5.09 -26.48 -17.95
CA ARG B 54 6.35 -26.63 -18.69
C ARG B 54 6.34 -25.76 -19.95
N GLN B 55 5.24 -25.77 -20.71
CA GLN B 55 5.18 -24.93 -21.91
C GLN B 55 5.25 -23.47 -21.55
N MET B 56 4.54 -23.08 -20.47
CA MET B 56 4.55 -21.68 -20.05
C MET B 56 5.95 -21.25 -19.61
N ASN B 57 6.63 -22.10 -18.84
CA ASN B 57 7.98 -21.78 -18.39
C ASN B 57 8.97 -21.70 -19.57
N GLU B 58 8.85 -22.60 -20.55
N GLU B 58 8.85 -22.60 -20.55
CA GLU B 58 9.72 -22.53 -21.72
CA GLU B 58 9.72 -22.52 -21.72
C GLU B 58 9.51 -21.24 -22.49
C GLU B 58 9.50 -21.22 -22.46
N TYR B 59 8.24 -20.83 -22.65
CA TYR B 59 7.93 -19.58 -23.31
C TYR B 59 8.48 -18.40 -22.50
N PHE B 60 8.33 -18.45 -21.19
CA PHE B 60 8.91 -17.41 -20.34
C PHE B 60 10.42 -17.28 -20.58
N ASN B 61 11.13 -18.43 -20.60
N ASN B 61 11.13 -18.41 -20.61
CA ASN B 61 12.57 -18.40 -20.84
CA ASN B 61 12.58 -18.31 -20.81
C ASN B 61 12.90 -17.70 -22.15
C ASN B 61 12.90 -17.67 -22.16
N THR B 62 12.19 -18.05 -23.22
CA THR B 62 12.43 -17.44 -24.53
C THR B 62 12.20 -15.93 -24.47
N GLN B 63 11.06 -15.49 -23.91
CA GLN B 63 10.74 -14.07 -23.96
C GLN B 63 11.61 -13.28 -22.99
N TYR B 64 11.84 -13.82 -21.79
CA TYR B 64 12.55 -13.07 -20.76
C TYR B 64 14.01 -12.86 -21.14
N TYR B 65 14.63 -13.84 -21.80
CA TYR B 65 16.02 -13.72 -22.21
C TYR B 65 16.17 -13.27 -23.67
N PHE B 66 15.10 -12.79 -24.30
CA PHE B 66 15.17 -12.43 -25.71
C PHE B 66 16.27 -11.43 -26.00
N GLN B 67 16.51 -10.46 -25.11
CA GLN B 67 17.52 -9.46 -25.41
C GLN B 67 18.93 -10.04 -25.40
N TRP B 68 19.13 -11.24 -24.82
CA TRP B 68 20.40 -11.96 -24.87
C TRP B 68 20.44 -12.97 -26.04
N SER B 69 19.42 -12.98 -26.90
CA SER B 69 19.37 -13.97 -27.96
C SER B 69 20.03 -13.46 -29.24
N ASP B 70 20.40 -14.39 -30.09
CA ASP B 70 20.96 -14.01 -31.38
C ASP B 70 19.94 -13.38 -32.30
N ASP B 71 18.65 -13.49 -31.99
CA ASP B 71 17.60 -12.90 -32.82
C ASP B 71 17.38 -11.41 -32.55
N ALA B 72 17.82 -10.90 -31.40
CA ALA B 72 17.52 -9.52 -31.04
C ALA B 72 18.55 -8.57 -31.65
N ASN B 73 18.11 -7.34 -31.95
CA ASN B 73 19.01 -6.35 -32.55
C ASN B 73 18.65 -4.98 -32.02
N GLN B 74 19.51 -4.00 -32.24
CA GLN B 74 19.34 -2.67 -31.70
C GLN B 74 18.35 -1.80 -32.47
N ASN B 75 17.82 -2.28 -33.60
CA ASN B 75 16.98 -1.42 -34.43
C ASN B 75 15.50 -1.69 -34.28
N ASP B 76 15.12 -2.89 -33.84
CA ASP B 76 13.76 -3.40 -33.88
C ASP B 76 13.34 -3.70 -32.44
N PHE B 77 12.12 -3.33 -32.10
CA PHE B 77 11.59 -3.58 -30.76
C PHE B 77 10.23 -4.28 -30.88
N TYR B 78 10.05 -5.37 -30.13
CA TYR B 78 8.78 -6.13 -30.13
C TYR B 78 8.07 -5.98 -28.79
N TYR B 79 6.77 -5.66 -28.83
CA TYR B 79 6.02 -5.80 -27.57
C TYR B 79 5.93 -7.26 -27.16
N VAL B 80 5.94 -8.17 -28.14
CA VAL B 80 5.90 -9.61 -27.86
C VAL B 80 7.01 -10.21 -28.71
N PRO B 81 8.17 -10.54 -28.11
CA PRO B 81 9.30 -11.05 -28.91
C PRO B 81 8.89 -12.13 -29.89
N ASN B 82 9.40 -12.01 -31.12
CA ASN B 82 9.25 -12.93 -32.24
C ASN B 82 7.88 -12.84 -32.88
N ASN B 83 6.95 -12.07 -32.36
CA ASN B 83 5.66 -11.92 -33.00
C ASN B 83 5.69 -10.67 -33.88
N THR B 84 5.75 -10.86 -35.20
CA THR B 84 5.96 -9.70 -36.08
C THR B 84 4.79 -8.73 -36.11
N GLN B 85 3.62 -9.11 -35.61
CA GLN B 85 2.52 -8.16 -35.48
C GLN B 85 2.81 -7.09 -34.44
N THR B 86 3.85 -7.27 -33.64
CA THR B 86 4.19 -6.34 -32.56
C THR B 86 5.54 -5.67 -32.77
N LYS B 87 6.10 -5.75 -33.98
CA LYS B 87 7.44 -5.25 -34.27
C LYS B 87 7.37 -3.76 -34.55
N ASN B 88 8.37 -3.04 -34.06
CA ASN B 88 8.44 -1.59 -34.21
C ASN B 88 9.86 -1.21 -34.59
N ASN B 89 9.96 -0.13 -35.37
CA ASN B 89 11.24 0.50 -35.62
C ASN B 89 11.57 1.47 -34.46
N ILE B 90 12.70 1.23 -33.78
CA ILE B 90 13.00 2.01 -32.58
C ILE B 90 13.20 3.48 -32.92
N LEU B 91 13.93 3.78 -33.99
CA LEU B 91 14.20 5.17 -34.34
C LEU B 91 12.92 5.91 -34.65
N LYS B 92 11.98 5.26 -35.34
CA LYS B 92 10.69 5.90 -35.57
CA LYS B 92 10.68 5.89 -35.57
C LYS B 92 9.94 6.14 -34.26
N LEU B 93 9.92 5.14 -33.37
CA LEU B 93 9.24 5.34 -32.09
C LEU B 93 9.85 6.52 -31.34
N GLU B 94 11.18 6.68 -31.38
CA GLU B 94 11.80 7.80 -30.68
C GLU B 94 11.36 9.11 -31.29
N ASN B 95 11.39 9.19 -32.63
CA ASN B 95 10.97 10.43 -33.29
C ASN B 95 9.48 10.70 -33.05
N ASP B 96 8.67 9.64 -33.04
CA ASP B 96 7.23 9.78 -32.75
C ASP B 96 7.02 10.37 -31.36
N THR B 97 7.86 9.98 -30.38
CA THR B 97 7.66 10.44 -29.00
C THR B 97 8.04 11.90 -28.89
N ILE B 98 9.13 12.31 -29.54
CA ILE B 98 9.47 13.73 -29.59
C ILE B 98 8.32 14.52 -30.19
N ARG B 99 7.80 14.07 -31.34
CA ARG B 99 6.76 14.85 -32.02
C ARG B 99 5.53 14.96 -31.15
N TYR B 100 5.18 13.86 -30.46
CA TYR B 100 4.00 13.86 -29.59
C TYR B 100 4.05 14.97 -28.54
N TYR B 101 5.21 15.14 -27.91
CA TYR B 101 5.34 16.15 -26.85
C TYR B 101 5.59 17.55 -27.40
N LYS B 102 6.16 17.66 -28.59
CA LYS B 102 6.29 18.98 -29.20
C LYS B 102 4.93 19.58 -29.57
N GLU B 103 3.94 18.74 -29.86
CA GLU B 103 2.63 19.17 -30.31
C GLU B 103 1.63 19.34 -29.17
N ARG B 104 2.06 19.19 -27.91
CA ARG B 104 1.17 19.30 -26.78
C ARG B 104 1.73 20.27 -25.76
N SER B 105 0.81 20.79 -24.92
CA SER B 105 1.16 21.55 -23.74
CA SER B 105 1.16 21.55 -23.74
C SER B 105 0.61 20.83 -22.52
N GLY B 106 1.32 20.90 -21.46
CA GLY B 106 0.96 20.18 -20.26
C GLY B 106 1.69 20.76 -19.08
N TYR B 107 1.83 19.94 -18.04
CA TYR B 107 2.33 20.39 -16.75
C TYR B 107 3.50 19.52 -16.31
N ASP B 108 4.43 20.11 -15.57
CA ASP B 108 5.66 19.46 -15.17
C ASP B 108 5.54 18.77 -13.80
N LYS B 109 6.68 18.28 -13.29
CA LYS B 109 6.69 17.51 -12.04
C LYS B 109 6.20 18.33 -10.84
N ASN B 110 6.21 19.67 -10.95
CA ASN B 110 5.72 20.53 -9.87
C ASN B 110 4.38 21.15 -10.22
N TYR B 111 3.69 20.62 -11.23
CA TYR B 111 2.38 21.09 -11.63
C TYR B 111 2.42 22.48 -12.27
N LEU B 112 3.61 22.86 -12.79
CA LEU B 112 3.74 24.15 -13.49
C LEU B 112 3.68 23.93 -14.98
N PRO B 113 3.12 24.87 -15.76
CA PRO B 113 3.11 24.69 -17.20
C PRO B 113 4.52 24.52 -17.74
N HIS B 114 4.67 23.57 -18.66
CA HIS B 114 5.94 23.43 -19.33
C HIS B 114 6.26 24.68 -20.14
N THR B 115 7.55 25.02 -20.16
CA THR B 115 8.02 26.09 -21.04
C THR B 115 7.83 25.69 -22.50
N SER B 116 7.68 26.70 -23.36
CA SER B 116 7.16 26.49 -24.71
C SER B 116 7.98 25.49 -25.51
N ASN B 117 9.28 25.37 -25.24
CA ASN B 117 10.16 24.53 -26.04
C ASN B 117 10.96 23.59 -25.15
N TRP B 118 10.35 23.06 -24.09
CA TRP B 118 11.10 22.19 -23.19
C TRP B 118 11.56 20.90 -23.86
N VAL B 119 10.89 20.47 -24.93
CA VAL B 119 11.30 19.24 -25.61
C VAL B 119 12.57 19.43 -26.40
N ASN B 120 12.87 20.66 -26.83
CA ASN B 120 14.05 20.88 -27.68
C ASN B 120 15.31 20.41 -26.99
N SER B 121 15.48 20.76 -25.71
CA SER B 121 16.69 20.38 -24.99
CA SER B 121 16.71 20.37 -25.04
C SER B 121 16.77 18.86 -24.85
N ILE B 122 15.63 18.22 -24.64
CA ILE B 122 15.59 16.77 -24.53
C ILE B 122 15.96 16.12 -25.85
N SER B 123 15.37 16.60 -26.95
CA SER B 123 15.69 16.05 -28.27
CA SER B 123 15.69 16.03 -28.26
C SER B 123 17.17 16.21 -28.58
N GLU B 124 17.76 17.36 -28.24
N GLU B 124 17.77 17.34 -28.21
CA GLU B 124 19.19 17.55 -28.39
CA GLU B 124 19.20 17.51 -28.44
C GLU B 124 19.97 16.47 -27.64
C GLU B 124 20.01 16.51 -27.62
N ASN B 125 19.57 16.22 -26.40
CA ASN B 125 20.30 15.25 -25.57
C ASN B 125 20.10 13.83 -26.07
N MET B 126 18.96 13.57 -26.73
CA MET B 126 18.74 12.25 -27.31
C MET B 126 19.71 11.95 -28.44
N ASN B 127 20.11 12.97 -29.21
CA ASN B 127 21.16 12.84 -30.21
C ASN B 127 20.87 11.70 -31.18
N LEU B 128 19.65 11.71 -31.72
CA LEU B 128 19.25 10.63 -32.61
C LEU B 128 20.02 10.62 -33.93
N LYS B 129 20.69 11.70 -34.29
CA LYS B 129 21.46 11.65 -35.52
C LYS B 129 22.56 10.60 -35.47
N SER B 130 22.97 10.16 -34.28
CA SER B 130 23.98 9.12 -34.12
C SER B 130 23.39 7.74 -33.82
N PHE B 131 22.07 7.57 -33.94
CA PHE B 131 21.40 6.33 -33.52
C PHE B 131 21.82 5.15 -34.39
N PRO B 132 22.10 3.99 -33.80
CA PRO B 132 22.26 3.71 -32.37
C PRO B 132 23.74 3.90 -32.03
N ASN B 133 24.06 4.61 -30.96
CA ASN B 133 25.46 5.01 -30.72
C ASN B 133 26.21 4.13 -29.72
N ILE B 134 25.59 3.07 -29.22
CA ILE B 134 26.29 2.09 -28.40
C ILE B 134 26.73 0.94 -29.31
N PRO B 135 28.03 0.71 -29.48
CA PRO B 135 28.50 -0.40 -30.32
C PRO B 135 27.96 -1.75 -29.85
N CYS B 136 27.83 -2.68 -30.78
CA CYS B 136 27.37 -4.01 -30.38
C CYS B 136 28.17 -5.15 -31.01
N ASP B 137 29.45 -4.90 -31.31
CA ASP B 137 30.27 -6.01 -31.81
C ASP B 137 30.41 -7.09 -30.75
N ASN B 138 30.42 -8.36 -31.21
CA ASN B 138 30.46 -9.51 -30.31
C ASN B 138 29.33 -9.49 -29.28
N HIS B 139 28.16 -8.99 -29.69
CA HIS B 139 27.00 -8.90 -28.79
C HIS B 139 27.29 -8.08 -27.55
N SER B 140 28.17 -7.07 -27.64
CA SER B 140 28.59 -6.33 -26.47
C SER B 140 27.49 -5.44 -25.88
N CYS B 141 26.42 -5.19 -26.63
CA CYS B 141 25.34 -4.39 -26.12
C CYS B 141 24.34 -5.18 -25.30
N ARG B 142 24.52 -6.48 -25.10
CA ARG B 142 23.69 -7.19 -24.13
C ARG B 142 23.99 -6.64 -22.76
N GLY B 143 22.94 -6.53 -21.93
CA GLY B 143 23.12 -5.92 -20.61
C GLY B 143 22.19 -6.45 -19.53
N ILE B 144 22.25 -5.82 -18.36
CA ILE B 144 21.42 -6.21 -17.23
C ILE B 144 21.12 -4.98 -16.38
N VAL B 145 19.92 -4.96 -15.78
CA VAL B 145 19.54 -3.90 -14.84
C VAL B 145 20.25 -4.15 -13.52
N VAL B 146 21.00 -3.14 -13.05
CA VAL B 146 21.68 -3.22 -11.76
C VAL B 146 21.00 -2.45 -10.64
N ASN B 147 20.15 -1.47 -10.96
CA ASN B 147 19.32 -0.82 -9.95
C ASN B 147 17.90 -0.76 -10.46
N ASN B 148 16.92 -0.97 -9.58
CA ASN B 148 15.53 -0.89 -10.03
C ASN B 148 15.32 0.44 -10.75
N ALA B 149 14.60 0.39 -11.88
CA ALA B 149 14.60 1.55 -12.74
C ALA B 149 13.19 1.88 -13.20
N GLN B 150 12.88 3.17 -13.20
CA GLN B 150 11.67 3.70 -13.85
C GLN B 150 12.00 4.03 -15.30
N VAL B 151 11.40 3.28 -16.22
CA VAL B 151 11.66 3.46 -17.65
C VAL B 151 10.83 4.64 -18.14
N ARG B 152 11.49 5.58 -18.85
CA ARG B 152 10.91 6.85 -19.24
C ARG B 152 10.82 6.92 -20.78
N SER B 153 9.76 7.53 -21.32
CA SER B 153 9.70 7.56 -22.78
C SER B 153 10.66 8.57 -23.38
N LEU B 154 11.13 9.53 -22.61
CA LEU B 154 12.18 10.47 -23.00
C LEU B 154 13.19 10.50 -21.88
N PRO B 155 14.42 10.91 -22.16
CA PRO B 155 15.45 10.91 -21.09
C PRO B 155 15.32 12.10 -20.16
N THR B 156 14.31 12.01 -19.28
CA THR B 156 14.05 13.06 -18.29
C THR B 156 13.29 12.49 -17.11
N SER B 157 13.60 13.00 -15.92
CA SER B 157 12.79 12.69 -14.74
CA SER B 157 12.81 12.72 -14.73
C SER B 157 11.63 13.66 -14.57
N ASP B 158 11.56 14.70 -15.39
CA ASP B 158 10.43 15.62 -15.34
C ASP B 158 9.19 14.93 -15.91
N ALA B 159 8.02 15.37 -15.45
CA ALA B 159 6.76 14.75 -15.82
C ALA B 159 6.10 15.47 -16.98
N PHE B 160 5.15 14.78 -17.62
CA PHE B 160 4.13 15.42 -18.45
C PHE B 160 2.78 15.00 -17.91
N TYR B 161 2.11 15.93 -17.24
CA TYR B 161 0.74 15.73 -16.78
C TYR B 161 -0.18 16.56 -17.66
N ASN B 162 -1.39 16.06 -17.87
CA ASN B 162 -2.47 16.95 -18.31
C ASN B 162 -2.95 17.76 -17.10
N ASN B 163 -3.90 18.69 -17.31
CA ASN B 163 -4.39 19.51 -16.21
C ASN B 163 -4.82 18.63 -15.04
N PHE B 164 -4.18 18.85 -13.90
CA PHE B 164 -4.34 17.96 -12.75
C PHE B 164 -5.66 18.18 -12.02
N THR B 165 -6.46 19.18 -12.42
CA THR B 165 -7.81 19.27 -11.90
C THR B 165 -8.83 18.45 -12.67
N ILE B 166 -8.42 17.82 -13.77
CA ILE B 166 -9.31 16.98 -14.57
C ILE B 166 -9.34 15.58 -13.97
N PRO B 167 -10.49 14.99 -13.71
CA PRO B 167 -10.49 13.61 -13.19
C PRO B 167 -9.73 12.66 -14.11
N GLY B 168 -8.93 11.80 -13.49
CA GLY B 168 -8.10 10.90 -14.30
C GLY B 168 -6.80 11.52 -14.77
N GLU B 169 -6.47 12.74 -14.32
CA GLU B 169 -5.22 13.41 -14.71
C GLU B 169 -4.47 13.89 -13.47
N GLY B 170 -3.26 14.41 -13.67
CA GLY B 170 -2.38 14.66 -12.53
C GLY B 170 -1.80 13.34 -12.02
N TYR B 171 -1.10 13.42 -10.87
CA TYR B 171 -0.41 12.24 -10.33
C TYR B 171 -1.42 11.11 -10.11
N PRO B 172 -1.08 9.85 -10.46
CA PRO B 172 0.22 9.37 -10.93
C PRO B 172 0.37 9.34 -12.46
N PHE B 173 -0.53 9.99 -13.20
CA PHE B 173 -0.55 9.90 -14.66
C PHE B 173 0.46 10.85 -15.32
N ASP B 174 1.73 10.60 -15.02
CA ASP B 174 2.86 11.20 -15.75
C ASP B 174 3.04 10.38 -17.02
N TYR B 175 2.68 10.96 -18.16
CA TYR B 175 2.70 10.16 -19.39
C TYR B 175 4.10 9.77 -19.85
N ILE B 176 5.16 10.38 -19.32
CA ILE B 176 6.53 9.96 -19.61
CA ILE B 176 6.50 9.92 -19.66
C ILE B 176 6.87 8.63 -18.92
N GLN B 177 6.13 8.28 -17.87
CA GLN B 177 6.43 7.06 -17.11
C GLN B 177 5.90 5.81 -17.82
N LEU B 178 6.80 4.86 -18.10
CA LEU B 178 6.41 3.67 -18.88
C LEU B 178 6.36 2.37 -18.09
N SER B 179 7.44 2.00 -17.40
CA SER B 179 7.50 0.69 -16.75
C SER B 179 8.43 0.78 -15.55
N ALA B 180 8.38 -0.26 -14.69
CA ALA B 180 9.35 -0.43 -13.61
C ALA B 180 10.08 -1.74 -13.86
N LEU B 181 11.40 -1.67 -14.03
CA LEU B 181 12.21 -2.88 -14.27
C LEU B 181 13.05 -3.15 -13.04
N TRP B 182 13.16 -4.43 -12.69
CA TRP B 182 13.84 -4.82 -11.46
C TRP B 182 15.29 -5.20 -11.70
N THR B 183 16.12 -4.98 -10.69
CA THR B 183 17.49 -5.50 -10.70
C THR B 183 17.50 -6.94 -11.16
N GLY B 184 18.39 -7.25 -12.11
CA GLY B 184 18.52 -8.60 -12.64
C GLY B 184 17.92 -8.78 -14.01
N THR B 185 17.13 -7.83 -14.48
CA THR B 185 16.40 -8.00 -15.75
C THR B 185 17.38 -8.00 -16.93
N PRO B 186 17.35 -9.02 -17.81
CA PRO B 186 18.14 -9.00 -19.06
C PRO B 186 17.62 -7.97 -20.04
N ILE B 187 18.53 -7.17 -20.58
CA ILE B 187 18.17 -6.07 -21.46
C ILE B 187 19.18 -5.97 -22.59
N MET B 188 18.88 -5.05 -23.52
CA MET B 188 19.81 -4.64 -24.56
C MET B 188 20.00 -3.13 -24.45
N LEU B 189 21.27 -2.70 -24.53
CA LEU B 189 21.63 -1.28 -24.52
C LEU B 189 21.63 -0.78 -25.95
N ILE B 190 20.96 0.34 -26.21
CA ILE B 190 20.74 0.83 -27.56
CA ILE B 190 20.74 0.83 -27.56
C ILE B 190 21.51 2.11 -27.84
N HIS B 191 21.33 3.12 -26.99
CA HIS B 191 21.79 4.46 -27.37
C HIS B 191 21.97 5.25 -26.08
N MET B 192 23.00 6.08 -26.03
N MET B 192 23.00 6.09 -26.05
CA MET B 192 23.29 6.87 -24.82
CA MET B 192 23.31 6.92 -24.90
C MET B 192 23.15 8.36 -25.11
C MET B 192 22.93 8.36 -25.22
N SER B 193 22.51 9.09 -24.18
CA SER B 193 22.28 10.52 -24.34
C SER B 193 23.62 11.28 -24.42
N THR B 194 23.55 12.52 -24.92
CA THR B 194 24.78 13.29 -25.10
C THR B 194 25.46 13.55 -23.77
N ASP B 195 24.68 13.80 -22.73
CA ASP B 195 25.27 14.06 -21.42
C ASP B 195 25.66 12.77 -20.68
N LYS B 196 25.39 11.61 -21.28
CA LYS B 196 25.73 10.28 -20.78
C LYS B 196 24.92 9.85 -19.59
N LYS B 197 23.98 10.69 -19.11
CA LYS B 197 23.25 10.37 -17.90
C LYS B 197 22.12 9.37 -18.13
N TRP B 198 21.72 9.17 -19.38
CA TRP B 198 20.59 8.30 -19.70
C TRP B 198 20.98 7.32 -20.80
N THR B 199 20.45 6.11 -20.73
CA THR B 199 20.64 5.08 -21.77
C THR B 199 19.28 4.54 -22.18
N LEU B 200 19.07 4.50 -23.49
CA LEU B 200 17.90 3.89 -24.10
C LEU B 200 18.10 2.37 -24.13
N ILE B 201 17.18 1.62 -23.51
CA ILE B 201 17.27 0.18 -23.35
C ILE B 201 15.98 -0.49 -23.81
N LYS B 202 16.04 -1.80 -24.00
CA LYS B 202 14.81 -2.59 -24.10
C LYS B 202 14.97 -3.90 -23.34
N GLY B 203 13.85 -4.36 -22.77
CA GLY B 203 13.82 -5.62 -22.07
C GLY B 203 12.45 -5.81 -21.45
N GLN B 204 12.14 -7.07 -21.16
CA GLN B 204 10.82 -7.42 -20.56
C GLN B 204 9.63 -6.85 -21.35
N GLY B 205 9.76 -6.59 -22.65
CA GLY B 205 8.64 -6.08 -23.41
C GLY B 205 8.45 -4.59 -23.31
N THR B 206 9.48 -3.86 -22.85
CA THR B 206 9.48 -2.40 -22.75
C THR B 206 10.69 -1.80 -23.45
N LEU B 207 10.48 -0.63 -24.06
CA LEU B 207 11.54 0.20 -24.64
C LEU B 207 11.51 1.55 -23.95
N GLY B 208 12.67 2.07 -23.54
CA GLY B 208 12.73 3.44 -23.05
C GLY B 208 14.02 3.74 -22.33
N TRP B 209 14.05 4.93 -21.72
CA TRP B 209 15.26 5.49 -21.16
C TRP B 209 15.34 5.26 -19.67
N VAL B 210 16.53 4.95 -19.19
CA VAL B 210 16.81 4.79 -17.76
C VAL B 210 18.12 5.49 -17.41
N PRO B 211 18.32 5.79 -16.12
CA PRO B 211 19.62 6.35 -15.73
C PRO B 211 20.74 5.39 -16.11
N THR B 212 21.80 5.94 -16.71
CA THR B 212 22.90 5.08 -17.11
C THR B 212 23.44 4.30 -15.93
N SER B 213 23.39 4.88 -14.72
CA SER B 213 23.90 4.19 -13.54
C SER B 213 23.07 2.95 -13.16
N SER B 214 21.87 2.79 -13.74
CA SER B 214 21.01 1.66 -13.40
CA SER B 214 21.00 1.66 -13.41
C SER B 214 21.25 0.43 -14.27
N ILE B 215 22.13 0.52 -15.27
CA ILE B 215 22.34 -0.59 -16.20
C ILE B 215 23.84 -0.83 -16.38
N ALA B 216 24.15 -2.00 -16.94
CA ALA B 216 25.52 -2.40 -17.19
C ALA B 216 25.50 -3.39 -18.33
N ASN B 217 26.57 -3.45 -19.10
CA ASN B 217 26.61 -4.48 -20.13
C ASN B 217 27.16 -5.79 -19.56
N VAL B 218 26.94 -6.88 -20.28
CA VAL B 218 27.36 -8.19 -19.84
C VAL B 218 28.16 -8.83 -20.97
N ASP B 219 29.13 -9.68 -20.59
CA ASP B 219 29.86 -10.42 -21.60
C ASP B 219 29.35 -11.86 -21.66
N GLU B 220 29.92 -12.63 -22.61
CA GLU B 220 29.47 -14.01 -22.82
C GLU B 220 29.68 -14.86 -21.57
N SER B 221 30.84 -14.72 -20.93
CA SER B 221 31.10 -15.47 -19.69
CA SER B 221 31.09 -15.47 -19.69
C SER B 221 30.03 -15.18 -18.64
N PHE B 222 29.66 -13.90 -18.48
CA PHE B 222 28.64 -13.54 -17.50
C PHE B 222 27.35 -14.30 -17.78
N ILE B 223 26.91 -14.31 -19.04
CA ILE B 223 25.68 -15.02 -19.39
C ILE B 223 25.83 -16.52 -19.16
N THR B 224 26.95 -17.09 -19.59
CA THR B 224 27.18 -18.52 -19.38
C THR B 224 27.10 -18.89 -17.90
N GLN B 225 27.75 -18.09 -17.05
CA GLN B 225 27.74 -18.40 -15.62
C GLN B 225 26.34 -18.19 -15.04
N TRP B 226 25.69 -17.09 -15.43
CA TRP B 226 24.34 -16.80 -14.98
C TRP B 226 23.44 -18.04 -15.08
N LYS B 227 23.47 -18.71 -16.23
CA LYS B 227 22.61 -19.85 -16.49
C LYS B 227 23.00 -21.09 -15.71
N ARG B 228 24.16 -21.11 -15.04
CA ARG B 228 24.56 -22.27 -14.24
C ARG B 228 24.03 -22.22 -12.81
N TYR B 229 23.46 -21.10 -12.39
CA TYR B 229 23.00 -20.98 -11.03
C TYR B 229 21.54 -21.40 -10.91
N ARG B 230 21.20 -21.93 -9.74
CA ARG B 230 19.80 -21.93 -9.33
C ARG B 230 19.35 -20.50 -9.17
N LEU B 231 18.10 -20.23 -9.55
CA LEU B 231 17.52 -18.89 -9.47
C LEU B 231 16.50 -18.85 -8.35
N VAL B 232 16.42 -17.70 -7.68
CA VAL B 232 15.42 -17.47 -6.64
C VAL B 232 14.65 -16.18 -6.91
N THR B 233 13.53 -16.02 -6.21
CA THR B 233 12.72 -14.82 -6.37
C THR B 233 12.18 -14.43 -5.00
N PRO B 234 11.97 -13.13 -4.73
CA PRO B 234 11.53 -12.72 -3.39
C PRO B 234 10.11 -13.21 -3.11
N THR B 235 9.84 -13.41 -1.81
CA THR B 235 8.52 -13.86 -1.37
C THR B 235 7.67 -12.73 -0.79
N VAL B 236 8.21 -11.51 -0.67
CA VAL B 236 7.46 -10.33 -0.25
C VAL B 236 7.71 -9.22 -1.25
N ARG B 237 6.90 -8.17 -1.20
CA ARG B 237 6.97 -7.15 -2.25
C ARG B 237 8.25 -6.35 -2.16
N LYS B 238 8.60 -5.86 -0.98
CA LYS B 238 9.82 -5.09 -0.82
C LYS B 238 10.58 -5.56 0.40
N GLN B 239 11.89 -5.55 0.30
CA GLN B 239 12.73 -5.81 1.48
C GLN B 239 14.06 -5.08 1.29
N ASP B 240 14.71 -4.72 2.39
CA ASP B 240 15.98 -4.00 2.35
C ASP B 240 17.14 -4.97 2.30
N LEU B 241 18.11 -4.72 1.39
CA LEU B 241 19.32 -5.54 1.37
C LEU B 241 20.30 -5.08 2.45
N PRO B 242 21.21 -5.94 2.87
CA PRO B 242 22.19 -5.54 3.88
C PRO B 242 23.03 -4.37 3.40
N ILE B 243 23.29 -3.43 4.29
CA ILE B 243 24.18 -2.31 4.00
C ILE B 243 25.56 -2.69 4.54
N GLU B 244 26.52 -2.84 3.63
CA GLU B 244 27.86 -3.26 4.01
C GLU B 244 28.76 -2.04 4.25
N LYS B 245 29.98 -2.31 4.71
CA LYS B 245 30.83 -1.26 5.28
C LYS B 245 31.00 -0.08 4.32
N TYR B 246 31.18 -0.35 3.03
CA TYR B 246 31.48 0.70 2.07
C TYR B 246 30.31 1.07 1.17
N ASP B 247 29.12 0.56 1.46
CA ASP B 247 27.93 0.98 0.74
C ASP B 247 27.56 2.39 1.18
N ILE B 248 27.08 3.19 0.23
CA ILE B 248 26.61 4.55 0.53
C ILE B 248 25.10 4.68 0.47
N ASN B 249 24.37 3.65 0.02
CA ASN B 249 22.92 3.68 -0.04
C ASN B 249 22.38 2.30 0.31
N ASN B 250 21.18 2.29 0.90
CA ASN B 250 20.40 1.07 1.00
C ASN B 250 19.86 0.70 -0.38
N LYS B 251 19.74 -0.61 -0.66
CA LYS B 251 19.12 -1.12 -1.89
C LYS B 251 17.88 -1.95 -1.55
N ILE B 252 16.81 -1.78 -2.33
CA ILE B 252 15.55 -2.48 -2.12
C ILE B 252 15.46 -3.63 -3.10
N LEU B 253 15.15 -4.82 -2.61
CA LEU B 253 14.91 -5.98 -3.44
C LEU B 253 13.41 -6.11 -3.61
N GLU B 254 12.94 -6.19 -4.85
CA GLU B 254 11.52 -6.15 -5.18
C GLU B 254 11.02 -7.49 -5.72
N ALA B 255 9.79 -7.86 -5.34
CA ALA B 255 9.13 -9.04 -5.92
C ALA B 255 9.15 -8.92 -7.44
N GLY B 256 9.28 -10.06 -8.12
CA GLY B 256 9.47 -10.10 -9.55
C GLY B 256 10.92 -10.20 -9.96
N SER B 257 11.85 -9.87 -9.08
CA SER B 257 13.26 -10.07 -9.41
C SER B 257 13.55 -11.56 -9.48
N ILE B 258 14.49 -11.93 -10.37
CA ILE B 258 14.92 -13.31 -10.56
C ILE B 258 16.44 -13.29 -10.51
N LEU B 259 17.02 -13.90 -9.48
CA LEU B 259 18.44 -13.70 -9.19
C LEU B 259 19.11 -15.02 -8.80
N PRO B 260 20.41 -15.13 -9.06
CA PRO B 260 21.12 -16.36 -8.68
C PRO B 260 21.20 -16.54 -7.16
N GLU B 261 21.30 -17.81 -6.75
CA GLU B 261 21.59 -18.22 -5.39
C GLU B 261 22.71 -19.25 -5.46
N HIS B 262 23.60 -19.23 -4.47
CA HIS B 262 24.71 -20.16 -4.47
C HIS B 262 25.16 -20.31 -3.04
N LYS B 263 25.21 -21.57 -2.58
CA LYS B 263 25.62 -21.86 -1.20
C LYS B 263 24.76 -21.09 -0.20
N GLY B 264 23.49 -20.93 -0.54
CA GLY B 264 22.52 -20.28 0.33
C GLY B 264 22.48 -18.77 0.26
N LYS B 265 23.37 -18.14 -0.50
CA LYS B 265 23.46 -16.68 -0.57
C LYS B 265 23.02 -16.16 -1.94
N LEU B 266 22.32 -15.03 -1.91
CA LEU B 266 21.92 -14.34 -3.12
C LEU B 266 23.13 -13.70 -3.80
N LYS B 267 23.10 -13.63 -5.13
CA LYS B 267 24.04 -12.85 -5.90
C LYS B 267 23.28 -11.76 -6.65
N ILE B 268 23.84 -10.55 -6.68
CA ILE B 268 23.20 -9.47 -7.44
C ILE B 268 24.21 -8.86 -8.42
N PRO B 269 23.77 -8.47 -9.61
CA PRO B 269 24.68 -7.80 -10.54
C PRO B 269 24.95 -6.38 -10.08
N VAL B 270 26.23 -5.99 -10.14
CA VAL B 270 26.65 -4.62 -9.85
C VAL B 270 27.53 -4.13 -10.99
N LYS B 271 27.61 -2.81 -11.15
CA LYS B 271 28.38 -2.23 -12.26
C LYS B 271 29.82 -2.01 -11.84
N ASP B 272 30.75 -2.61 -12.57
CA ASP B 272 32.17 -2.40 -12.30
C ASP B 272 32.65 -1.10 -12.93
N LYS B 273 33.89 -0.71 -12.62
CA LYS B 273 34.41 0.57 -13.10
C LYS B 273 34.51 0.63 -14.61
N ASN B 274 34.54 -0.50 -15.30
CA ASN B 274 34.57 -0.52 -16.76
C ASN B 274 33.18 -0.50 -17.37
N GLY B 275 32.14 -0.45 -16.55
CA GLY B 275 30.79 -0.38 -17.07
C GLY B 275 30.11 -1.72 -17.25
N THR B 276 30.82 -2.81 -16.97
CA THR B 276 30.28 -4.15 -17.17
CA THR B 276 30.29 -4.15 -17.16
C THR B 276 29.79 -4.70 -15.83
N ALA B 277 28.85 -5.63 -15.91
CA ALA B 277 28.29 -6.25 -14.72
C ALA B 277 29.20 -7.33 -14.13
N THR B 278 29.26 -7.37 -12.81
CA THR B 278 29.84 -8.48 -12.07
CA THR B 278 29.84 -8.49 -12.08
C THR B 278 28.86 -8.88 -10.96
N LEU B 279 28.94 -10.13 -10.52
CA LEU B 279 28.06 -10.60 -9.45
C LEU B 279 28.66 -10.34 -8.07
N LEU B 280 27.83 -9.78 -7.18
CA LEU B 280 28.19 -9.53 -5.79
C LEU B 280 27.42 -10.53 -4.92
N THR B 281 28.14 -11.25 -4.06
CA THR B 281 27.46 -12.13 -3.11
C THR B 281 26.91 -11.30 -1.95
N VAL B 282 25.63 -11.53 -1.62
CA VAL B 282 24.91 -10.82 -0.56
C VAL B 282 24.71 -11.74 0.63
N ASN B 283 24.92 -11.21 1.83
CA ASN B 283 24.55 -11.93 3.04
C ASN B 283 23.04 -12.02 3.13
N SER B 284 22.50 -13.21 2.97
CA SER B 284 21.07 -13.42 2.78
C SER B 284 20.36 -13.91 4.02
N LYS B 285 21.01 -13.85 5.19
CA LYS B 285 20.47 -14.50 6.38
C LYS B 285 19.05 -14.03 6.70
N ASN B 286 18.78 -12.73 6.55
CA ASN B 286 17.48 -12.17 6.89
C ASN B 286 16.59 -11.91 5.68
N LEU B 287 16.96 -12.42 4.51
CA LEU B 287 16.19 -12.15 3.30
C LEU B 287 15.14 -13.23 3.08
N LYS B 288 14.08 -12.84 2.35
CA LYS B 288 12.90 -13.67 2.14
C LYS B 288 12.80 -13.99 0.65
N PHE B 289 13.18 -15.20 0.27
CA PHE B 289 13.16 -15.62 -1.13
C PHE B 289 12.89 -17.12 -1.22
N THR B 290 12.63 -17.58 -2.44
CA THR B 290 12.26 -18.97 -2.68
C THR B 290 12.72 -19.38 -4.07
N THR B 291 12.81 -20.70 -4.29
N THR B 291 12.77 -20.70 -4.29
CA THR B 291 13.21 -21.20 -5.59
CA THR B 291 13.16 -21.21 -5.59
C THR B 291 12.27 -20.71 -6.69
C THR B 291 12.24 -20.67 -6.70
N TRP B 292 12.86 -20.26 -7.80
CA TRP B 292 12.13 -19.76 -8.94
C TRP B 292 12.22 -20.76 -10.09
N PRO B 293 11.12 -20.98 -10.84
CA PRO B 293 9.78 -20.41 -10.65
C PRO B 293 9.07 -21.05 -9.42
N MET B 294 8.27 -20.23 -8.75
CA MET B 294 7.42 -20.72 -7.68
C MET B 294 6.40 -21.72 -8.22
N THR B 295 6.12 -22.77 -7.44
CA THR B 295 5.14 -23.76 -7.85
C THR B 295 3.76 -23.10 -7.99
N PRO B 296 3.02 -23.37 -9.08
CA PRO B 296 1.75 -22.68 -9.35
C PRO B 296 0.55 -23.26 -8.62
N SER B 297 0.67 -23.38 -7.31
CA SER B 297 -0.43 -23.87 -6.51
C SER B 297 -1.39 -22.73 -6.18
N TYR B 298 -2.65 -23.10 -5.88
CA TYR B 298 -3.61 -22.09 -5.45
C TYR B 298 -3.09 -21.36 -4.22
N LYS B 299 -2.48 -22.10 -3.29
CA LYS B 299 -1.93 -21.50 -2.07
C LYS B 299 -0.87 -20.45 -2.39
N ASN B 300 0.08 -20.77 -3.29
CA ASN B 300 1.11 -19.77 -3.60
C ASN B 300 0.54 -18.57 -4.35
N PHE B 301 -0.40 -18.79 -5.27
CA PHE B 301 -1.03 -17.65 -5.92
C PHE B 301 -1.70 -16.75 -4.88
N ALA B 302 -2.35 -17.36 -3.88
CA ALA B 302 -3.03 -16.58 -2.85
C ALA B 302 -2.04 -15.79 -2.00
N HIS B 303 -0.94 -16.41 -1.56
CA HIS B 303 0.06 -15.64 -0.81
C HIS B 303 0.58 -14.45 -1.60
N GLN B 304 0.88 -14.66 -2.91
CA GLN B 304 1.44 -13.57 -3.70
C GLN B 304 0.42 -12.48 -3.95
N ILE B 305 -0.83 -12.86 -4.29
CA ILE B 305 -1.90 -11.86 -4.40
C ILE B 305 -1.99 -11.03 -3.12
N ASN B 306 -1.99 -11.70 -1.97
CA ASN B 306 -2.16 -10.98 -0.71
C ASN B 306 -1.02 -10.00 -0.47
N ASN B 307 0.18 -10.32 -0.96
CA ASN B 307 1.31 -9.42 -0.78
C ASN B 307 1.20 -8.12 -1.58
N TYR B 308 0.37 -8.07 -2.63
CA TYR B 308 0.20 -6.85 -3.41
C TYR B 308 -1.00 -6.02 -3.00
N ILE B 309 -1.97 -6.59 -2.27
CA ILE B 309 -3.16 -5.82 -1.91
C ILE B 309 -2.75 -4.61 -1.10
N GLY B 310 -3.32 -3.46 -1.48
CA GLY B 310 -3.04 -2.20 -0.82
C GLY B 310 -1.91 -1.41 -1.47
N MET B 311 -1.16 -1.99 -2.43
CA MET B 311 -0.16 -1.22 -3.13
C MET B 311 -0.84 -0.09 -3.89
N PRO B 312 -0.36 1.16 -3.77
CA PRO B 312 -0.98 2.26 -4.51
C PRO B 312 -0.96 2.01 -6.02
N TYR B 313 -1.95 2.55 -6.72
CA TYR B 313 -1.96 2.52 -8.18
C TYR B 313 -0.89 3.47 -8.71
N GLY B 314 0.05 2.94 -9.48
CA GLY B 314 1.06 3.77 -10.13
C GLY B 314 1.04 3.66 -11.64
N TRP B 315 0.52 4.66 -12.32
CA TRP B 315 0.49 4.64 -13.79
C TRP B 315 1.90 4.41 -14.31
N GLY B 316 2.03 3.42 -15.21
CA GLY B 316 3.34 3.20 -15.81
C GLY B 316 4.37 2.66 -14.84
N GLY B 317 3.96 2.19 -13.63
CA GLY B 317 4.96 1.80 -12.65
C GLY B 317 5.48 2.96 -11.83
N MET B 318 4.80 4.11 -11.87
N MET B 318 4.81 4.14 -11.89
CA MET B 318 5.21 5.32 -11.15
CA MET B 318 5.23 5.34 -11.17
C MET B 318 5.62 5.01 -9.72
C MET B 318 5.60 5.03 -9.73
N ASP B 319 6.82 5.45 -9.35
CA ASP B 319 7.31 5.34 -7.98
C ASP B 319 7.37 3.89 -7.51
N PHE B 320 7.52 2.98 -8.48
CA PHE B 320 7.64 1.54 -8.26
C PHE B 320 6.37 0.88 -7.75
N ASN B 321 5.23 1.57 -7.89
CA ASN B 321 3.92 0.98 -7.64
C ASN B 321 3.27 0.62 -8.97
N ASN B 322 2.66 -0.57 -9.06
CA ASN B 322 2.24 -1.03 -10.38
C ASN B 322 0.90 -0.46 -10.81
N ASP B 323 0.67 -0.48 -12.12
CA ASP B 323 -0.62 -0.23 -12.73
C ASP B 323 -1.37 -1.54 -13.07
N OCS B 324 -2.50 -1.40 -13.73
CA OCS B 324 -3.35 -2.55 -13.98
CB OCS B 324 -4.57 -2.11 -14.82
SG OCS B 324 -4.20 -0.86 -16.09
C OCS B 324 -2.61 -3.73 -14.65
O OCS B 324 -2.61 -4.84 -14.10
OD1 OCS B 324 -3.96 0.40 -15.38
OD2 OCS B 324 -5.31 -0.76 -16.93
OD3 OCS B 324 -3.04 -1.25 -16.86
N SER B 325 -1.97 -3.50 -15.80
CA SER B 325 -1.35 -4.60 -16.54
C SER B 325 -0.01 -4.94 -15.91
N GLY B 326 0.65 -3.93 -15.32
CA GLY B 326 1.95 -4.21 -14.71
C GLY B 326 1.84 -5.13 -13.50
N LEU B 327 0.79 -4.95 -12.70
CA LEU B 327 0.47 -5.84 -11.59
C LEU B 327 0.40 -7.29 -12.05
N LEU B 328 -0.37 -7.53 -13.11
CA LEU B 328 -0.56 -8.92 -13.55
C LEU B 328 0.73 -9.51 -14.10
N LYS B 329 1.45 -8.73 -14.91
CA LYS B 329 2.73 -9.21 -15.42
C LYS B 329 3.66 -9.59 -14.28
N ARG B 330 3.68 -8.78 -13.22
CA ARG B 330 4.60 -9.01 -12.12
C ARG B 330 4.21 -10.26 -11.34
N LEU B 331 2.91 -10.39 -11.00
CA LEU B 331 2.44 -11.59 -10.30
C LEU B 331 2.83 -12.85 -11.07
N PHE B 332 2.53 -12.87 -12.37
CA PHE B 332 2.76 -14.10 -13.13
C PHE B 332 4.25 -14.38 -13.30
N SER B 333 5.09 -13.36 -13.32
CA SER B 333 6.53 -13.60 -13.48
C SER B 333 7.11 -14.49 -12.37
N THR B 334 6.57 -14.39 -11.16
CA THR B 334 7.01 -15.17 -10.01
C THR B 334 6.83 -16.66 -10.28
N PHE B 335 5.88 -17.01 -11.16
CA PHE B 335 5.57 -18.40 -11.50
C PHE B 335 6.15 -18.79 -12.85
N GLY B 336 6.95 -17.92 -13.46
CA GLY B 336 7.52 -18.26 -14.76
C GLY B 336 6.48 -18.27 -15.85
N ILE B 337 5.48 -17.41 -15.73
CA ILE B 337 4.46 -17.21 -16.74
C ILE B 337 4.63 -15.80 -17.28
N TRP B 338 4.87 -15.66 -18.58
CA TRP B 338 5.28 -14.39 -19.17
C TRP B 338 4.09 -13.68 -19.80
N LEU B 339 3.82 -12.43 -19.34
CA LEU B 339 2.84 -11.55 -19.97
C LEU B 339 3.54 -10.34 -20.57
N PRO B 340 3.03 -9.83 -21.69
CA PRO B 340 3.50 -8.53 -22.20
C PRO B 340 3.16 -7.39 -21.25
N ARG B 341 3.66 -6.21 -21.56
CA ARG B 341 3.60 -5.07 -20.63
C ARG B 341 2.19 -4.47 -20.49
N SER B 342 1.48 -4.24 -21.60
CA SER B 342 0.27 -3.42 -21.62
CA SER B 342 0.27 -3.44 -21.53
C SER B 342 -1.00 -4.27 -21.70
N SER B 343 -2.13 -3.67 -21.29
CA SER B 343 -3.39 -4.39 -21.29
C SER B 343 -3.78 -4.90 -22.68
N PHE B 344 -3.53 -4.09 -23.73
CA PHE B 344 -3.95 -4.53 -25.05
C PHE B 344 -3.16 -5.76 -25.49
N TYR B 345 -1.85 -5.72 -25.25
CA TYR B 345 -1.02 -6.85 -25.68
C TYR B 345 -1.26 -8.06 -24.79
N GLN B 346 -1.59 -7.87 -23.50
CA GLN B 346 -1.98 -9.02 -22.68
C GLN B 346 -3.26 -9.63 -23.18
N ALA B 347 -4.27 -8.80 -23.44
CA ALA B 347 -5.57 -9.33 -23.83
C ALA B 347 -5.47 -10.12 -25.14
N ASN B 348 -4.62 -9.66 -26.07
CA ASN B 348 -4.58 -10.24 -27.42
C ASN B 348 -3.49 -11.27 -27.61
N TYR B 349 -2.40 -11.23 -26.85
CA TYR B 349 -1.23 -12.08 -27.11
C TYR B 349 -0.83 -12.97 -25.94
N ALA B 350 -1.43 -12.83 -24.76
CA ALA B 350 -1.11 -13.73 -23.66
C ALA B 350 -1.92 -15.01 -23.73
N GLY B 351 -2.95 -15.04 -24.57
CA GLY B 351 -3.79 -16.20 -24.72
C GLY B 351 -4.83 -15.90 -25.76
N GLN B 352 -5.77 -16.83 -25.88
CA GLN B 352 -6.82 -16.68 -26.87
C GLN B 352 -7.85 -15.68 -26.35
N ILE B 353 -8.05 -14.58 -27.10
CA ILE B 353 -9.01 -13.56 -26.68
C ILE B 353 -10.40 -13.99 -27.12
N TYR B 354 -11.37 -13.61 -26.30
CA TYR B 354 -12.78 -13.82 -26.59
C TYR B 354 -13.42 -12.46 -26.39
N SER B 355 -13.76 -11.78 -27.49
CA SER B 355 -14.37 -10.47 -27.41
C SER B 355 -15.86 -10.61 -27.16
N MET B 356 -16.35 -9.84 -26.18
CA MET B 356 -17.77 -9.74 -25.86
C MET B 356 -18.35 -8.38 -26.22
N TYR B 357 -17.71 -7.69 -27.15
CA TYR B 357 -18.26 -6.44 -27.66
C TYR B 357 -19.71 -6.61 -28.07
N ASP B 358 -20.02 -7.71 -28.74
CA ASP B 358 -21.38 -7.90 -29.23
C ASP B 358 -22.31 -8.63 -28.25
N GLN B 359 -21.99 -8.60 -26.97
CA GLN B 359 -22.83 -9.23 -25.95
C GLN B 359 -23.28 -8.21 -24.93
N SER B 360 -24.49 -8.41 -24.43
CA SER B 360 -25.07 -7.50 -23.46
C SER B 360 -24.47 -7.71 -22.08
N GLU B 361 -24.75 -6.76 -21.19
CA GLU B 361 -24.38 -6.88 -19.79
C GLU B 361 -24.86 -8.22 -19.20
N GLU B 362 -26.09 -8.59 -19.51
CA GLU B 362 -26.66 -9.81 -18.95
C GLU B 362 -25.89 -11.03 -19.45
N GLN B 363 -25.53 -11.03 -20.74
CA GLN B 363 -24.80 -12.16 -21.28
C GLN B 363 -23.42 -12.25 -20.69
N ARG B 364 -22.75 -11.10 -20.52
CA ARG B 364 -21.43 -11.10 -19.91
C ARG B 364 -21.47 -11.66 -18.49
N LYS B 365 -22.46 -11.23 -17.70
CA LYS B 365 -22.59 -11.73 -16.34
C LYS B 365 -22.92 -13.23 -16.33
N GLU B 366 -23.76 -13.68 -17.27
CA GLU B 366 -24.04 -15.12 -17.37
C GLU B 366 -22.77 -15.93 -17.50
N LEU B 367 -21.83 -15.48 -18.36
CA LEU B 367 -20.60 -16.22 -18.56
C LEU B 367 -19.70 -16.19 -17.33
N LEU B 368 -19.49 -14.99 -16.76
CA LEU B 368 -18.51 -14.86 -15.70
C LEU B 368 -19.07 -15.25 -14.33
N VAL B 369 -20.38 -15.11 -14.13
CA VAL B 369 -20.99 -15.49 -12.85
C VAL B 369 -21.43 -16.94 -12.84
N GLU B 370 -22.16 -17.37 -13.90
CA GLU B 370 -22.74 -18.71 -13.92
C GLU B 370 -21.87 -19.75 -14.60
N GLN B 371 -20.86 -19.33 -15.36
CA GLN B 371 -19.79 -20.21 -15.84
C GLN B 371 -20.30 -21.40 -16.64
N GLU B 372 -21.21 -21.12 -17.59
CA GLU B 372 -21.81 -22.19 -18.38
C GLU B 372 -21.68 -22.00 -19.89
N GLY B 373 -21.13 -20.89 -20.35
CA GLY B 373 -21.20 -20.51 -21.74
C GLY B 373 -20.33 -21.38 -22.64
N SER B 374 -20.15 -20.87 -23.87
CA SER B 374 -19.43 -21.61 -24.89
C SER B 374 -18.02 -21.97 -24.44
N ILE B 375 -17.27 -20.99 -24.00
CA ILE B 375 -15.92 -21.21 -23.49
C ILE B 375 -15.96 -21.38 -21.98
N GLN B 376 -15.00 -22.10 -21.44
CA GLN B 376 -14.92 -22.33 -20.01
C GLN B 376 -13.83 -21.45 -19.43
N LEU B 377 -14.21 -20.53 -18.55
CA LEU B 377 -13.23 -19.66 -17.91
C LEU B 377 -12.52 -20.41 -16.78
N ILE B 378 -11.30 -20.00 -16.49
CA ILE B 378 -10.51 -20.65 -15.44
C ILE B 378 -10.09 -19.60 -14.41
N PRO B 379 -10.64 -19.64 -13.19
CA PRO B 379 -10.17 -18.71 -12.15
C PRO B 379 -8.66 -18.80 -12.00
N PHE B 380 -8.02 -17.63 -11.90
CA PHE B 380 -6.59 -17.44 -11.72
C PHE B 380 -5.80 -17.64 -13.02
N MET B 381 -6.47 -17.97 -14.15
CA MET B 381 -5.76 -18.14 -15.41
C MET B 381 -6.48 -17.44 -16.55
N THR B 382 -7.38 -16.49 -16.26
CA THR B 382 -8.18 -15.80 -17.27
C THR B 382 -8.09 -14.32 -16.99
N LEU B 383 -7.72 -13.54 -18.00
CA LEU B 383 -7.64 -12.07 -17.87
C LEU B 383 -8.95 -11.49 -18.37
N VAL B 384 -9.53 -10.54 -17.62
CA VAL B 384 -10.72 -9.83 -18.08
CA VAL B 384 -10.72 -9.83 -18.08
C VAL B 384 -10.29 -8.40 -18.39
N SER B 385 -10.58 -7.94 -19.62
CA SER B 385 -10.19 -6.60 -20.04
C SER B 385 -11.40 -5.78 -20.47
N PHE B 386 -11.24 -4.45 -20.40
CA PHE B 386 -12.35 -3.52 -20.53
C PHE B 386 -11.84 -2.33 -21.33
N GLY B 387 -12.68 -1.76 -22.19
CA GLY B 387 -12.23 -0.60 -22.94
C GLY B 387 -13.38 0.22 -23.47
N ASN B 388 -13.04 1.35 -24.08
CA ASN B 388 -14.05 2.28 -24.59
CA ASN B 388 -14.01 2.31 -24.59
C ASN B 388 -14.37 2.07 -26.05
N SER B 389 -13.82 1.04 -26.67
CA SER B 389 -14.12 0.71 -28.06
C SER B 389 -13.97 -0.79 -28.20
N LYS B 390 -14.47 -1.31 -29.33
CA LYS B 390 -14.44 -2.75 -29.58
C LYS B 390 -13.08 -3.38 -29.28
N THR B 391 -11.99 -2.78 -29.79
CA THR B 391 -10.70 -3.43 -29.67
C THR B 391 -9.71 -2.75 -28.71
N SER B 392 -10.01 -1.57 -28.21
CA SER B 392 -9.06 -0.98 -27.27
C SER B 392 -9.33 -1.44 -25.83
N THR B 393 -8.28 -1.35 -25.03
CA THR B 393 -8.40 -1.71 -23.62
C THR B 393 -7.82 -0.60 -22.75
N SER B 394 -8.52 -0.30 -21.63
CA SER B 394 -8.07 0.69 -20.67
C SER B 394 -8.11 0.17 -19.25
N HIS B 395 -8.46 -1.09 -19.05
CA HIS B 395 -8.35 -1.72 -17.74
C HIS B 395 -8.24 -3.24 -17.96
N ILE B 396 -7.58 -3.93 -17.03
CA ILE B 396 -7.48 -5.38 -17.10
C ILE B 396 -7.34 -5.89 -15.66
N GLY B 397 -7.82 -7.12 -15.42
CA GLY B 397 -7.78 -7.77 -14.11
C GLY B 397 -7.68 -9.27 -14.31
N LEU B 398 -7.39 -9.98 -13.23
CA LEU B 398 -7.27 -11.45 -13.23
C LEU B 398 -8.56 -12.03 -12.65
N TYR B 399 -9.37 -12.69 -13.48
CA TYR B 399 -10.60 -13.33 -12.99
C TYR B 399 -10.29 -14.33 -11.89
N MET B 400 -11.01 -14.25 -10.76
CA MET B 400 -10.83 -15.15 -9.63
C MET B 400 -12.06 -16.02 -9.34
N GLY B 401 -13.08 -16.02 -10.21
CA GLY B 401 -14.27 -16.82 -9.93
C GLY B 401 -15.38 -15.96 -9.35
N THR B 402 -16.07 -16.45 -8.32
CA THR B 402 -17.23 -15.75 -7.76
C THR B 402 -17.17 -15.72 -6.23
N THR B 403 -18.03 -14.86 -5.66
CA THR B 403 -18.23 -14.81 -4.22
C THR B 403 -19.66 -14.35 -3.97
N GLU B 404 -20.13 -14.55 -2.73
CA GLU B 404 -21.41 -14.00 -2.32
C GLU B 404 -21.15 -12.62 -1.72
N TYR B 405 -21.79 -11.61 -2.30
CA TYR B 405 -21.63 -10.23 -1.85
C TYR B 405 -22.99 -9.56 -1.93
N ASN B 406 -23.45 -9.04 -0.79
CA ASN B 406 -24.82 -8.54 -0.65
C ASN B 406 -25.84 -9.61 -1.00
N HIS B 407 -25.64 -10.81 -0.49
CA HIS B 407 -26.53 -11.95 -0.77
C HIS B 407 -26.76 -12.18 -2.27
N ASN B 408 -25.87 -11.68 -3.13
CA ASN B 408 -25.92 -11.98 -4.55
C ASN B 408 -24.58 -12.59 -4.95
N LYS B 409 -24.62 -13.52 -5.91
CA LYS B 409 -23.39 -14.10 -6.40
C LYS B 409 -22.77 -13.16 -7.43
N VAL B 410 -21.51 -12.79 -7.22
CA VAL B 410 -20.85 -11.83 -8.10
C VAL B 410 -19.51 -12.41 -8.57
N ALA B 411 -19.13 -12.06 -9.79
CA ALA B 411 -17.80 -12.39 -10.29
C ALA B 411 -16.77 -11.40 -9.73
N ILE B 412 -15.54 -11.89 -9.52
CA ILE B 412 -14.50 -11.09 -8.87
C ILE B 412 -13.18 -11.17 -9.65
N MET B 413 -12.30 -10.20 -9.39
CA MET B 413 -11.02 -10.10 -10.06
C MET B 413 -9.97 -9.47 -9.14
N PHE B 414 -8.74 -9.92 -9.29
CA PHE B 414 -7.58 -9.27 -8.69
C PHE B 414 -7.13 -8.19 -9.67
N ASN B 415 -7.01 -6.95 -9.22
CA ASN B 415 -6.69 -5.89 -10.17
C ASN B 415 -6.16 -4.65 -9.46
N ALA B 416 -5.55 -3.76 -10.27
CA ALA B 416 -5.09 -2.45 -9.81
C ALA B 416 -5.88 -1.40 -10.58
N PRO B 417 -7.01 -0.95 -10.05
CA PRO B 417 -7.84 0.07 -10.72
C PRO B 417 -7.55 1.47 -10.19
N TRP B 418 -7.55 2.49 -11.05
CA TRP B 418 -7.48 3.84 -10.53
C TRP B 418 -8.86 4.29 -10.04
N GLY B 419 -9.84 4.36 -10.91
CA GLY B 419 -11.19 4.76 -10.49
C GLY B 419 -12.16 4.51 -11.61
N VAL B 420 -13.44 4.43 -11.25
CA VAL B 420 -14.49 4.13 -12.22
C VAL B 420 -15.10 5.44 -12.72
N LYS B 421 -15.39 5.53 -14.01
CA LYS B 421 -15.92 6.75 -14.58
C LYS B 421 -17.32 7.04 -14.03
N LEU B 422 -17.58 8.32 -13.74
CA LEU B 422 -18.89 8.83 -13.32
C LEU B 422 -19.29 9.92 -14.30
N VAL B 423 -20.60 10.11 -14.50
CA VAL B 423 -21.08 11.20 -15.35
C VAL B 423 -22.21 11.93 -14.64
N ASN B 424 -22.18 13.26 -14.67
CA ASN B 424 -23.21 14.03 -13.98
C ASN B 424 -24.25 14.53 -14.97
N GLY B 425 -25.18 15.35 -14.49
CA GLY B 425 -26.28 15.84 -15.30
C GLY B 425 -25.89 16.88 -16.33
N ASN B 426 -24.64 17.38 -16.29
CA ASN B 426 -24.09 18.23 -17.35
C ASN B 426 -23.29 17.42 -18.35
N ASN B 427 -23.26 16.10 -18.22
CA ASN B 427 -22.40 15.25 -19.05
C ASN B 427 -20.92 15.52 -18.78
N GLU B 428 -20.61 15.98 -17.58
CA GLU B 428 -19.23 16.12 -17.13
C GLU B 428 -18.77 14.85 -16.41
N GLN B 429 -17.49 14.54 -16.54
N GLN B 429 -17.48 14.55 -16.50
CA GLN B 429 -16.93 13.33 -15.97
CA GLN B 429 -16.96 13.31 -15.95
C GLN B 429 -16.54 13.53 -14.51
C GLN B 429 -16.42 13.50 -14.54
N GLY B 430 -16.49 12.41 -13.79
CA GLY B 430 -15.89 12.30 -12.47
C GLY B 430 -15.27 10.92 -12.33
N ARG B 431 -14.65 10.66 -11.19
CA ARG B 431 -14.11 9.33 -10.90
C ARG B 431 -14.49 8.89 -9.51
N ALA B 432 -14.86 7.61 -9.39
CA ALA B 432 -15.02 6.94 -8.11
C ALA B 432 -13.69 6.28 -7.84
N LEU B 433 -12.89 6.90 -7.00
CA LEU B 433 -11.51 6.51 -6.82
C LEU B 433 -11.38 5.25 -5.98
N VAL B 434 -10.47 4.37 -6.39
CA VAL B 434 -10.05 3.19 -5.66
C VAL B 434 -8.55 3.38 -5.39
N GLY B 435 -7.72 3.32 -6.43
CA GLY B 435 -6.37 3.83 -6.29
C GLY B 435 -5.39 2.91 -5.60
N GLN B 436 -5.71 1.62 -5.50
CA GLN B 436 -4.82 0.64 -4.89
C GLN B 436 -5.19 -0.73 -5.42
N THR B 437 -4.23 -1.66 -5.34
CA THR B 437 -4.50 -3.04 -5.76
C THR B 437 -5.46 -3.70 -4.76
N LEU B 438 -6.50 -4.35 -5.30
CA LEU B 438 -7.51 -5.01 -4.47
C LEU B 438 -8.07 -6.22 -5.20
N ILE B 439 -8.76 -7.09 -4.44
CA ILE B 439 -9.71 -8.02 -5.00
C ILE B 439 -11.06 -7.30 -5.04
N THR B 440 -11.70 -7.25 -6.19
CA THR B 440 -12.93 -6.47 -6.31
C THR B 440 -13.97 -7.28 -7.09
N PRO B 441 -15.25 -6.97 -6.94
CA PRO B 441 -16.23 -7.39 -7.97
C PRO B 441 -15.75 -6.91 -9.34
N ILE B 442 -16.14 -7.64 -10.38
CA ILE B 442 -15.93 -7.16 -11.75
C ILE B 442 -16.55 -5.78 -11.90
N GLY B 443 -17.79 -5.63 -11.40
CA GLY B 443 -18.47 -4.36 -11.47
C GLY B 443 -18.06 -3.46 -10.32
N ILE B 444 -16.83 -2.96 -10.34
CA ILE B 444 -16.31 -2.16 -9.23
C ILE B 444 -17.27 -1.02 -8.97
N GLY B 445 -17.71 -0.91 -7.71
CA GLY B 445 -18.56 0.20 -7.31
C GLY B 445 -20.02 0.08 -7.69
N ASP B 446 -20.44 -0.98 -8.40
CA ASP B 446 -21.86 -1.12 -8.78
C ASP B 446 -22.77 -1.10 -7.56
N ALA B 447 -22.29 -1.62 -6.43
CA ALA B 447 -23.08 -1.63 -5.20
C ALA B 447 -23.42 -0.23 -4.73
N PHE B 448 -22.67 0.79 -5.15
CA PHE B 448 -22.86 2.17 -4.73
C PHE B 448 -23.60 3.00 -5.76
N THR B 449 -24.12 2.37 -6.82
CA THR B 449 -24.75 3.11 -7.92
C THR B 449 -25.87 3.99 -7.41
N GLU B 450 -26.75 3.46 -6.56
CA GLU B 450 -27.90 4.26 -6.09
C GLU B 450 -27.44 5.44 -5.26
N GLY B 451 -26.55 5.20 -4.28
CA GLY B 451 -26.04 6.29 -3.48
C GLY B 451 -25.41 7.37 -4.30
N LEU B 452 -24.62 6.97 -5.31
CA LEU B 452 -23.96 7.95 -6.17
C LEU B 452 -24.98 8.72 -7.01
N SER B 453 -25.99 8.01 -7.52
CA SER B 453 -26.99 8.68 -8.34
CA SER B 453 -27.02 8.65 -8.34
C SER B 453 -27.78 9.72 -7.55
N ASN B 454 -27.94 9.51 -6.25
CA ASN B 454 -28.67 10.48 -5.43
C ASN B 454 -27.90 11.80 -5.33
N GLN B 455 -26.60 11.80 -5.62
CA GLN B 455 -25.80 13.01 -5.67
C GLN B 455 -25.49 13.46 -7.10
N ASP B 456 -26.26 12.96 -8.08
CA ASP B 456 -26.14 13.29 -9.50
C ASP B 456 -24.90 12.72 -10.17
N TRP B 457 -24.36 11.59 -9.68
CA TRP B 457 -23.25 10.91 -10.35
C TRP B 457 -23.73 9.55 -10.84
N ALA B 458 -23.71 9.35 -12.16
CA ALA B 458 -24.07 8.07 -12.77
C ALA B 458 -22.82 7.23 -12.95
N LEU B 459 -22.69 6.16 -12.17
CA LEU B 459 -21.54 5.27 -12.29
C LEU B 459 -21.63 4.49 -13.61
N GLN B 460 -20.53 4.47 -14.36
CA GLN B 460 -20.47 3.76 -15.64
C GLN B 460 -19.93 2.35 -15.37
N SER B 461 -20.83 1.37 -15.26
CA SER B 461 -20.42 0.04 -14.83
C SER B 461 -19.40 -0.58 -15.79
N LEU B 462 -18.36 -1.21 -15.24
CA LEU B 462 -17.45 -2.00 -16.08
CA LEU B 462 -17.45 -1.98 -16.10
C LEU B 462 -18.19 -3.04 -16.91
N TRP B 463 -19.31 -3.55 -16.41
CA TRP B 463 -20.04 -4.57 -17.16
C TRP B 463 -20.61 -4.02 -18.45
N ASN B 464 -20.77 -2.70 -18.56
CA ASN B 464 -21.32 -2.06 -19.75
C ASN B 464 -20.22 -1.44 -20.62
N ALA B 465 -18.94 -1.76 -20.36
CA ALA B 465 -17.86 -1.20 -21.19
C ALA B 465 -18.10 -1.59 -22.66
N VAL B 466 -17.78 -0.67 -23.58
CA VAL B 466 -17.96 -1.00 -24.99
C VAL B 466 -17.09 -2.19 -25.38
N GLY B 467 -15.83 -2.16 -24.95
CA GLY B 467 -14.90 -3.27 -25.13
C GLY B 467 -14.88 -4.11 -23.86
N PHE B 468 -14.98 -5.43 -24.02
CA PHE B 468 -15.06 -6.32 -22.87
C PHE B 468 -14.61 -7.69 -23.38
N ASN B 469 -13.54 -8.23 -22.81
CA ASN B 469 -12.93 -9.46 -23.33
C ASN B 469 -12.46 -10.35 -22.20
N THR B 470 -12.41 -11.66 -22.47
CA THR B 470 -11.71 -12.60 -21.61
C THR B 470 -10.58 -13.24 -22.41
N THR B 471 -9.48 -13.54 -21.73
CA THR B 471 -8.31 -14.12 -22.39
C THR B 471 -7.85 -15.29 -21.53
N LEU B 472 -7.86 -16.49 -22.10
CA LEU B 472 -7.46 -17.69 -21.38
C LEU B 472 -5.97 -17.89 -21.55
N LEU B 473 -5.20 -17.87 -20.45
CA LEU B 473 -3.74 -18.01 -20.53
C LEU B 473 -3.32 -19.42 -20.92
N THR B 474 -4.23 -20.38 -20.77
CA THR B 474 -3.96 -21.78 -21.10
C THR B 474 -4.19 -22.11 -22.57
N GLU B 475 -4.61 -21.16 -23.39
CA GLU B 475 -4.87 -21.41 -24.79
C GLU B 475 -4.00 -20.47 -25.62
N THR B 476 -3.38 -21.00 -26.69
CA THR B 476 -2.50 -20.13 -27.45
C THR B 476 -3.32 -19.22 -28.36
N PRO B 477 -2.88 -17.98 -28.58
CA PRO B 477 -3.61 -17.10 -29.50
C PRO B 477 -3.59 -17.66 -30.92
N LYS B 478 -4.74 -17.60 -31.58
CA LYS B 478 -4.87 -18.04 -32.96
C LYS B 478 -4.95 -16.85 -33.93
CL CL C . -9.29 1.76 31.25
CL CL D . -5.50 1.90 15.59
CL CL E . 8.90 21.76 4.16
C1 EDO F . 8.01 7.15 26.14
O1 EDO F . 7.63 6.15 27.09
C2 EDO F . 6.80 7.63 25.36
O2 EDO F . 5.98 8.48 26.18
C1 EDO G . 19.60 10.70 12.75
O1 EDO G . 19.58 11.98 12.12
C2 EDO G . 20.05 9.64 11.76
O2 EDO G . 21.39 9.87 11.29
C1 EDO H . -19.47 13.14 12.17
O1 EDO H . -20.55 13.95 12.67
C2 EDO H . -18.22 13.98 12.02
O2 EDO H . -18.49 15.06 11.10
C1 EDO I . -16.94 6.42 22.68
O1 EDO I . -17.78 6.21 21.53
C2 EDO I . -15.81 5.40 22.61
O2 EDO I . -16.37 4.19 22.11
C1 EDO J . -2.65 15.75 6.46
O1 EDO J . -3.94 15.13 6.26
C2 EDO J . -2.70 17.15 7.05
O2 EDO J . -3.46 18.00 6.18
C1 EDO K . 8.79 14.72 -7.16
O1 EDO K . 9.91 15.26 -6.43
C2 EDO K . 7.79 15.84 -7.35
O2 EDO K . 8.49 16.99 -7.86
C1 EDO L . -3.67 20.02 9.81
O1 EDO L . -4.91 19.31 9.74
C2 EDO L . -3.92 21.52 9.62
O2 EDO L . -4.80 21.99 10.65
C1 EDO M . -21.26 -9.17 14.58
O1 EDO M . -22.26 -9.87 13.82
C2 EDO M . -20.01 -9.02 13.72
O2 EDO M . -20.35 -8.42 12.46
C1 EDO N . -7.83 -9.12 8.89
O1 EDO N . -7.67 -10.00 10.00
C2 EDO N . -6.80 -8.00 9.01
O2 EDO N . -5.50 -8.47 8.67
C1 EDO O . 15.60 14.29 -0.64
O1 EDO O . 16.80 14.28 0.14
C2 EDO O . 15.07 12.88 -0.78
O2 EDO O . 14.46 12.84 -2.03
C1 EDO P . -11.44 14.37 9.13
O1 EDO P . -12.40 14.03 10.12
C2 EDO P . -12.21 14.32 7.82
O2 EDO P . -11.42 14.84 6.75
C1 EDO Q . -11.73 25.51 -8.79
O1 EDO Q . -12.93 25.36 -8.02
C2 EDO Q . -11.05 26.81 -8.36
O2 EDO Q . -11.91 27.92 -8.63
C1 EDO R . 11.16 10.33 -5.17
O1 EDO R . 9.98 9.51 -5.09
C2 EDO R . 10.71 11.64 -5.77
O2 EDO R . 9.52 11.38 -6.53
C1 EDO S . -18.21 -2.81 2.28
O1 EDO S . -18.90 -4.00 1.89
C2 EDO S . -18.90 -1.63 1.60
O2 EDO S . -20.33 -1.81 1.71
C1 EDO T . 7.49 -8.66 28.69
O1 EDO T . 6.05 -8.60 28.72
C2 EDO T . 7.94 -10.12 28.57
O2 EDO T . 9.02 -10.24 27.62
C1 EDO U . -15.82 11.15 15.42
O1 EDO U . -14.54 11.72 15.11
C2 EDO U . -16.91 12.19 15.32
O2 EDO U . -18.04 11.75 16.08
C1 EDO V . -19.17 10.61 18.89
O1 EDO V . -17.91 11.29 18.84
C2 EDO V . -19.45 10.15 20.31
O2 EDO V . -19.70 11.29 21.15
C1 PEG W . -10.40 29.40 4.31
O1 PEG W . -9.91 30.72 4.21
C2 PEG W . -11.68 29.32 5.06
O2 PEG W . -12.22 28.02 4.98
C3 PEG W . -12.79 27.72 3.70
C4 PEG W . -14.07 26.98 3.88
O4 PEG W . -13.94 25.90 4.79
CL CL X . 12.94 -6.40 -28.93
CL CL Y . -20.27 -7.20 -9.97
CL CL Z . 5.88 -2.29 -15.06
C1 EDO AA . 10.00 1.21 1.04
O1 EDO AA . 10.81 0.23 0.36
C2 EDO AA . 9.26 2.11 0.04
O2 EDO AA . 8.06 1.47 -0.41
C1 EDO BA . -11.49 1.04 -14.62
O1 EDO BA . -12.39 2.12 -14.37
C2 EDO BA . -10.64 0.86 -13.41
O2 EDO BA . -9.78 1.98 -13.18
C1 EDO CA . -6.45 3.99 -15.80
O1 EDO CA . -7.69 3.27 -15.57
C2 EDO CA . -5.67 3.30 -16.92
O2 EDO CA . -6.36 3.28 -18.20
C1 EDO DA . -10.28 -22.18 -6.07
O1 EDO DA . -11.10 -23.08 -5.29
C2 EDO DA . -10.69 -22.17 -7.54
O2 EDO DA . -11.89 -21.44 -7.76
C1 EDO EA . -25.32 23.71 -13.36
O1 EDO EA . -24.17 22.85 -13.14
C2 EDO EA . -26.34 23.13 -14.36
O2 EDO EA . -25.74 23.07 -15.67
C1 EDO FA . 12.42 0.80 -5.58
O1 EDO FA . 12.43 -0.22 -4.60
C2 EDO FA . 13.68 1.63 -5.39
O2 EDO FA . 14.82 0.88 -5.81
C1 EDO GA . -2.05 11.68 -22.70
O1 EDO GA . -3.34 12.33 -22.58
C2 EDO GA . -1.00 12.76 -22.84
O2 EDO GA . -1.20 13.41 -24.10
C1 EDO HA . -29.39 12.37 -11.42
O1 EDO HA . -29.35 11.13 -10.70
C2 EDO HA . -30.01 13.50 -10.60
O2 EDO HA . -31.44 13.40 -10.71
C1 EDO IA . -0.30 -22.18 -22.38
O1 EDO IA . 0.84 -23.02 -22.60
C2 EDO IA . -0.90 -21.81 -23.73
O2 EDO IA . 0.09 -21.10 -24.48
C1 EDO JA . 3.36 8.41 -40.67
O1 EDO JA . 2.94 7.03 -40.54
C2 EDO JA . 4.01 8.93 -39.40
O2 EDO JA . 3.43 8.39 -38.21
C1 EDO KA . -2.44 -1.10 -29.26
O1 EDO KA . -1.90 -0.21 -28.29
C2 EDO KA . -3.29 -0.34 -30.27
O2 EDO KA . -3.75 -1.20 -31.32
C1 EDO LA . 0.96 -16.71 -20.95
O1 EDO LA . 0.78 -16.19 -22.28
C2 EDO LA . 1.15 -18.24 -20.96
O2 EDO LA . 2.40 -18.63 -21.61
C1 EDO MA . -4.18 -9.12 2.38
O1 EDO MA . -2.90 -9.33 3.02
C2 EDO MA . -4.89 -7.83 2.83
O2 EDO MA . -3.99 -6.70 2.79
C1 EDO NA . 7.67 4.92 -26.63
O1 EDO NA . 7.94 6.29 -26.32
C2 EDO NA . 8.99 4.19 -26.65
O2 EDO NA . 9.65 4.35 -25.40
C1 EDO OA . 16.64 1.85 -38.22
O1 EDO OA . 17.63 1.96 -37.16
C2 EDO OA . 16.20 0.40 -38.39
O2 EDO OA . 16.99 -0.35 -39.33
C1 EDO PA . -15.32 -20.57 -1.10
O1 EDO PA . -14.67 -20.98 0.10
C2 EDO PA . -14.37 -20.77 -2.27
O2 EDO PA . -14.97 -20.32 -3.49
C1 EDO QA . -1.35 24.14 -20.87
O1 EDO QA . -1.71 22.77 -21.11
C2 EDO QA . -0.33 24.22 -19.76
O2 EDO QA . 1.00 24.16 -20.28
C1 EDO RA . -9.06 -21.88 4.08
O1 EDO RA . -9.42 -23.09 3.40
C2 EDO RA . -9.41 -20.76 3.13
O2 EDO RA . -9.18 -21.25 1.79
C1 EDO SA . 22.67 17.97 -24.47
O1 EDO SA . 22.60 17.61 -25.85
C2 EDO SA . 23.80 17.25 -23.74
O2 EDO SA . 23.78 17.62 -22.36
C1 EDO TA . 3.92 8.91 -27.47
O1 EDO TA . 4.46 8.26 -28.64
C2 EDO TA . 2.87 8.00 -26.83
O2 EDO TA . 2.06 8.76 -25.93
C1 EDO UA . -13.50 1.52 -18.74
O1 EDO UA . -12.21 1.07 -18.33
C2 EDO UA . -13.66 1.29 -20.23
O2 EDO UA . -14.81 2.00 -20.74
C BCT VA . -17.46 -10.88 0.59
O1 BCT VA . -16.36 -10.68 1.10
O2 BCT VA . -18.57 -10.36 0.71
O3 BCT VA . -17.62 -12.14 -0.06
#